data_8RJJ
#
_entry.id   8RJJ
#
_cell.length_a   1.00
_cell.length_b   1.00
_cell.length_c   1.00
_cell.angle_alpha   90.00
_cell.angle_beta   90.00
_cell.angle_gamma   90.00
#
_symmetry.space_group_name_H-M   'P 1'
#
loop_
_entity.id
_entity.type
_entity.pdbx_description
1 polymer 'Genome polyprotein'
2 polymer 'HCV S52 E2'
3 branched 2-acetamido-2-deoxy-beta-D-glucopyranose-(1-4)-2-acetamido-2-deoxy-beta-D-glucopyranose
4 branched beta-D-mannopyranose-(1-4)-2-acetamido-2-deoxy-beta-D-glucopyranose-(1-4)-2-acetamido-2-deoxy-beta-D-glucopyranose
5 non-polymer 2-acetamido-2-deoxy-beta-D-glucopyranose
#
loop_
_entity_poly.entity_id
_entity_poly.type
_entity_poly.pdbx_seq_one_letter_code
_entity_poly.pdbx_strand_id
1 'polypeptide(L)'
;EWRNTSGLYVLTNDCSNSSIVYEADDVILHTPGCVPCVQDDNTSTCWTPVTPTVAVRYVGATTASIRSHVDLLVGAATLC
SALYVGDMCGAVFLVGQAFTFRPRRHQTVQTCNCSLYPGHVSGHRMAWDMMMNWSPAVGMVVAHILRLPQTLFDILAGAH
WGVLAGIAYFSMVGNWAKVLVVLLLFAGVDA
;
C,A
2 'polypeptide(L)'
;ETYVTGGSVAHSARGLTSLFSMGAKQKLQLVNTNGSWHINSTALNCNESINTGFIAGLFYYHKFNSTGCPQRLSSCKPII
SFRQGWGPLTDANITGPSDDRPYCWHYAPRPCSVVPASSVCGPVYCFTPSPVVVGTTDIKGKPTYNWGENETDVFLLESL
RPPSGRWFGCAWMNSTGFLKTCGAPPCNIYGGGGNPGNETDLFCPTDCFRKHPEATYSRCGAGPWLTPRCMVDYPYRLWH
YPCTVNFTLFKVRMFVGGFEHRFTAACNWTRGERCNIEDRDRSEQHPLLHSTTELAILPCSFTPMPALSTLGIHLHQNIV
DVQYLYGVGSDMVGWALKWEYVVLLFLLLADARVCSCLWMMLLISQAEA
;
D,B
#
# COMPACT_ATOMS: atom_id res chain seq x y z
N GLU A 1 19.00 -0.69 6.14
CA GLU A 1 17.71 -1.00 6.74
C GLU A 1 17.86 -2.14 7.73
N TRP A 2 18.90 -2.94 7.57
CA TRP A 2 19.13 -4.08 8.45
C TRP A 2 20.61 -4.25 8.67
N ARG A 3 20.96 -5.11 9.63
CA ARG A 3 22.36 -5.32 9.95
C ARG A 3 22.58 -6.75 10.39
N ASN A 4 23.82 -7.21 10.23
CA ASN A 4 24.23 -8.52 10.71
C ASN A 4 24.53 -8.46 12.20
N THR A 5 24.12 -9.51 12.92
CA THR A 5 24.44 -9.60 14.34
C THR A 5 24.29 -11.05 14.79
N SER A 6 25.40 -11.67 15.18
CA SER A 6 25.39 -13.01 15.77
C SER A 6 24.62 -13.99 14.89
N GLY A 7 24.84 -13.89 13.59
CA GLY A 7 24.14 -14.74 12.65
C GLY A 7 22.64 -14.51 12.66
N LEU A 8 22.23 -13.25 12.66
CA LEU A 8 20.80 -12.93 12.67
C LEU A 8 20.61 -11.55 12.08
N TYR A 9 19.98 -11.47 10.91
CA TYR A 9 19.66 -10.18 10.31
C TYR A 9 18.64 -9.48 11.19
N VAL A 10 18.90 -8.23 11.54
CA VAL A 10 18.02 -7.49 12.44
C VAL A 10 17.75 -6.12 11.88
N LEU A 11 16.50 -5.69 11.96
CA LEU A 11 16.09 -4.38 11.48
C LEU A 11 16.81 -3.28 12.24
N THR A 12 17.07 -2.18 11.54
CA THR A 12 17.69 -1.01 12.14
C THR A 12 17.47 0.18 11.21
N ASN A 13 17.78 1.36 11.73
CA ASN A 13 17.74 2.58 10.93
C ASN A 13 19.14 3.08 10.60
N ASP A 14 20.17 2.32 10.94
CA ASP A 14 21.54 2.71 10.65
C ASP A 14 21.84 2.51 9.17
N CYS A 15 22.47 3.51 8.57
CA CYS A 15 22.81 3.43 7.15
C CYS A 15 23.93 2.43 6.92
N SER A 16 23.84 1.71 5.80
CA SER A 16 24.90 0.81 5.39
C SER A 16 26.04 1.61 4.75
N ASN A 17 27.14 0.91 4.47
CA ASN A 17 28.21 1.54 3.71
C ASN A 17 27.74 1.97 2.34
N SER A 18 26.79 1.25 1.76
CA SER A 18 26.29 1.54 0.42
C SER A 18 25.15 2.54 0.40
N SER A 19 24.56 2.86 1.56
CA SER A 19 23.41 3.75 1.61
C SER A 19 23.78 5.22 1.72
N ILE A 20 25.06 5.54 1.88
CA ILE A 20 25.51 6.92 2.02
C ILE A 20 26.05 7.39 0.68
N VAL A 21 25.55 8.52 0.21
CA VAL A 21 25.95 9.04 -1.10
C VAL A 21 27.22 9.86 -0.93
N TYR A 22 27.13 10.94 -0.13
CA TYR A 22 28.26 11.82 0.11
C TYR A 22 28.34 12.11 1.59
N GLU A 23 29.55 12.36 2.07
CA GLU A 23 29.75 12.72 3.46
C GLU A 23 30.81 13.81 3.55
N ALA A 24 30.54 14.81 4.39
CA ALA A 24 31.48 15.88 4.68
C ALA A 24 31.80 15.85 6.17
N ASP A 25 32.54 16.85 6.63
CA ASP A 25 32.89 16.91 8.04
C ASP A 25 31.68 17.06 8.94
N ASP A 26 30.57 17.61 8.43
CA ASP A 26 29.45 17.90 9.30
C ASP A 26 28.08 17.59 8.69
N VAL A 27 28.02 16.85 7.59
CA VAL A 27 26.73 16.58 6.95
C VAL A 27 26.86 15.35 6.07
N ILE A 28 25.88 14.45 6.16
CA ILE A 28 25.84 13.24 5.35
C ILE A 28 24.61 13.29 4.46
N LEU A 29 24.83 13.18 3.15
CA LEU A 29 23.77 12.97 2.18
C LEU A 29 23.75 11.50 1.79
N HIS A 30 22.55 10.92 1.74
CA HIS A 30 22.40 9.49 1.63
C HIS A 30 21.09 9.19 0.94
N THR A 31 20.97 7.98 0.41
CA THR A 31 19.69 7.55 -0.12
C THR A 31 18.68 7.42 1.02
N PRO A 32 17.43 7.77 0.78
CA PRO A 32 16.41 7.53 1.81
C PRO A 32 16.29 6.05 2.12
N GLY A 33 16.13 5.75 3.39
CA GLY A 33 16.00 4.37 3.83
C GLY A 33 16.77 4.07 5.10
N CYS A 34 17.38 5.09 5.70
CA CYS A 34 18.16 4.89 6.91
C CYS A 34 18.46 6.24 7.53
N VAL A 35 19.26 6.23 8.59
CA VAL A 35 19.70 7.44 9.28
C VAL A 35 21.15 7.24 9.70
N PRO A 36 22.03 8.22 9.51
CA PRO A 36 23.44 8.03 9.83
C PRO A 36 23.70 8.01 11.33
N CYS A 37 24.57 7.09 11.73
CA CYS A 37 25.13 7.02 13.08
C CYS A 37 26.63 6.82 12.95
N VAL A 38 27.38 7.36 13.90
CA VAL A 38 28.84 7.35 13.82
C VAL A 38 29.43 7.26 15.21
N GLN A 39 30.48 6.45 15.34
CA GLN A 39 31.34 6.40 16.51
C GLN A 39 32.69 6.98 16.14
N ASP A 40 33.21 7.87 16.98
CA ASP A 40 34.46 8.56 16.68
C ASP A 40 35.62 8.11 17.58
N ASP A 41 35.47 8.23 18.89
CA ASP A 41 36.48 7.72 19.82
C ASP A 41 35.75 7.34 21.10
N ASN A 42 35.46 6.04 21.25
CA ASN A 42 34.67 5.49 22.35
C ASN A 42 33.39 6.28 22.61
N THR A 43 32.90 6.99 21.60
CA THR A 43 31.66 7.74 21.68
C THR A 43 30.91 7.56 20.37
N SER A 44 29.70 7.01 20.45
CA SER A 44 28.88 6.74 19.28
C SER A 44 27.54 7.44 19.43
N THR A 45 27.10 8.12 18.38
CA THR A 45 25.80 8.76 18.38
C THR A 45 25.35 8.93 16.93
N CYS A 46 24.05 9.13 16.75
CA CYS A 46 23.50 9.31 15.42
C CYS A 46 23.25 10.79 15.15
N TRP A 47 22.98 11.09 13.89
CA TRP A 47 22.86 12.46 13.42
C TRP A 47 21.40 12.85 13.22
N THR A 48 21.13 14.12 13.36
CA THR A 48 19.79 14.65 13.27
C THR A 48 19.32 14.66 11.82
N PRO A 49 18.17 14.07 11.52
CA PRO A 49 17.69 14.04 10.15
C PRO A 49 16.84 15.25 9.81
N VAL A 50 16.92 15.66 8.54
CA VAL A 50 16.06 16.71 8.00
C VAL A 50 16.05 16.55 6.48
N THR A 51 14.86 16.59 5.86
CA THR A 51 14.73 16.27 4.44
C THR A 51 15.38 14.92 4.18
N PRO A 52 14.68 13.83 4.50
CA PRO A 52 15.33 12.55 4.85
C PRO A 52 16.60 12.20 4.10
N THR A 53 16.69 12.58 2.84
CA THR A 53 17.89 12.35 2.04
C THR A 53 19.15 12.79 2.78
N VAL A 54 19.14 13.96 3.40
CA VAL A 54 20.32 14.50 4.04
C VAL A 54 20.10 14.52 5.55
N ALA A 55 21.21 14.60 6.29
CA ALA A 55 21.17 14.71 7.73
C ALA A 55 22.44 15.38 8.20
N VAL A 56 22.38 15.95 9.41
CA VAL A 56 23.47 16.72 9.98
C VAL A 56 23.70 16.31 11.41
N ARG A 57 24.91 16.60 11.91
CA ARG A 57 25.27 16.22 13.27
C ARG A 57 24.41 16.96 14.28
N TYR A 58 24.56 18.27 14.36
CA TYR A 58 23.74 19.13 15.18
C TYR A 58 22.99 20.08 14.26
N VAL A 59 22.04 20.84 14.81
CA VAL A 59 21.20 21.65 13.94
C VAL A 59 21.94 22.93 13.64
N GLY A 60 22.88 22.85 12.69
CA GLY A 60 23.63 23.99 12.21
C GLY A 60 23.85 23.87 10.71
N ALA A 61 22.90 23.24 10.03
CA ALA A 61 23.09 22.69 8.68
C ALA A 61 24.07 23.49 7.83
N THR A 62 23.77 24.77 7.64
CA THR A 62 24.69 25.66 6.93
C THR A 62 24.95 26.94 7.70
N THR A 63 24.43 27.06 8.92
CA THR A 63 24.54 28.31 9.65
C THR A 63 25.99 28.70 9.89
N ALA A 64 26.86 27.72 10.11
CA ALA A 64 28.22 27.96 10.58
C ALA A 64 28.91 29.12 9.85
N SER A 65 29.12 28.97 8.56
CA SER A 65 29.81 30.01 7.79
C SER A 65 29.00 31.30 7.80
N ILE A 66 27.71 31.20 7.49
CA ILE A 66 26.90 32.41 7.38
C ILE A 66 26.72 33.08 8.73
N ARG A 67 26.50 32.29 9.79
CA ARG A 67 26.40 32.87 11.11
C ARG A 67 27.69 33.57 11.50
N SER A 68 28.82 32.92 11.22
CA SER A 68 30.10 33.51 11.55
C SER A 68 30.46 34.70 10.68
N HIS A 69 29.78 34.88 9.55
CA HIS A 69 30.16 35.93 8.60
C HIS A 69 28.99 36.77 8.11
N VAL A 70 27.84 36.73 8.78
CA VAL A 70 26.63 37.34 8.22
C VAL A 70 26.83 38.83 7.98
N ASP A 71 27.43 39.54 8.93
CA ASP A 71 27.54 40.99 8.81
C ASP A 71 28.38 41.38 7.61
N LEU A 72 29.60 40.88 7.53
CA LEU A 72 30.46 41.20 6.39
C LEU A 72 29.89 40.64 5.11
N LEU A 73 29.27 39.46 5.17
CA LEU A 73 28.71 38.85 3.96
C LEU A 73 27.61 39.74 3.37
N VAL A 74 26.67 40.17 4.21
CA VAL A 74 25.59 41.02 3.70
C VAL A 74 26.13 42.37 3.28
N GLY A 75 27.12 42.90 4.00
CA GLY A 75 27.70 44.17 3.59
C GLY A 75 28.29 44.10 2.20
N ALA A 76 29.09 43.06 1.93
CA ALA A 76 29.66 42.88 0.61
C ALA A 76 28.57 42.61 -0.43
N ALA A 77 27.53 41.86 -0.06
CA ALA A 77 26.45 41.58 -0.98
C ALA A 77 25.79 42.86 -1.47
N THR A 78 25.40 43.73 -0.54
CA THR A 78 24.80 45.00 -0.94
C THR A 78 25.79 45.87 -1.70
N LEU A 79 27.05 45.91 -1.26
CA LEU A 79 28.03 46.77 -1.92
C LEU A 79 28.18 46.37 -3.38
N CYS A 80 28.36 45.08 -3.65
CA CYS A 80 28.61 44.65 -5.02
C CYS A 80 27.33 44.54 -5.84
N SER A 81 26.17 44.40 -5.20
CA SER A 81 24.92 44.58 -5.93
C SER A 81 24.77 46.02 -6.38
N ALA A 82 25.18 46.97 -5.54
CA ALA A 82 25.21 48.37 -5.94
C ALA A 82 26.20 48.58 -7.08
N LEU A 83 27.32 47.88 -7.04
CA LEU A 83 28.29 47.98 -8.12
C LEU A 83 27.96 47.09 -9.31
N TYR A 84 26.91 46.26 -9.21
CA TYR A 84 26.41 45.45 -10.32
C TYR A 84 27.47 44.45 -10.82
N VAL A 85 27.99 43.67 -9.87
CA VAL A 85 28.88 42.56 -10.17
C VAL A 85 28.36 41.34 -9.41
N GLY A 86 27.04 41.35 -9.18
CA GLY A 86 26.41 40.33 -8.36
C GLY A 86 26.66 38.92 -8.87
N ASP A 87 26.84 38.76 -10.18
CA ASP A 87 27.15 37.43 -10.70
C ASP A 87 28.46 36.91 -10.15
N MET A 88 29.50 37.74 -10.14
CA MET A 88 30.78 37.24 -9.63
C MET A 88 30.71 37.09 -8.12
N CYS A 89 29.97 37.98 -7.44
CA CYS A 89 29.78 37.81 -6.01
C CYS A 89 29.16 36.46 -5.69
N GLY A 90 28.10 36.10 -6.43
CA GLY A 90 27.48 34.81 -6.23
C GLY A 90 28.42 33.66 -6.55
N ALA A 91 29.22 33.81 -7.61
CA ALA A 91 30.16 32.76 -7.96
C ALA A 91 31.17 32.52 -6.85
N VAL A 92 31.77 33.59 -6.33
CA VAL A 92 32.79 33.43 -5.30
C VAL A 92 32.16 32.94 -4.00
N PHE A 93 30.94 33.40 -3.69
CA PHE A 93 30.28 32.94 -2.48
C PHE A 93 29.97 31.45 -2.58
N LEU A 94 29.51 30.99 -3.75
CA LEU A 94 29.27 29.57 -3.93
C LEU A 94 30.56 28.77 -3.87
N VAL A 95 31.66 29.35 -4.37
CA VAL A 95 32.96 28.68 -4.26
C VAL A 95 33.32 28.50 -2.79
N GLY A 96 33.12 29.53 -1.98
CA GLY A 96 33.35 29.38 -0.55
C GLY A 96 32.43 28.37 0.09
N GLN A 97 31.16 28.37 -0.32
CA GLN A 97 30.20 27.40 0.21
C GLN A 97 30.66 25.97 -0.06
N ALA A 98 31.12 25.71 -1.28
CA ALA A 98 31.69 24.41 -1.59
C ALA A 98 32.94 24.15 -0.76
N PHE A 99 33.78 25.17 -0.59
CA PHE A 99 34.99 25.03 0.22
C PHE A 99 34.66 24.59 1.63
N THR A 100 33.49 24.99 2.13
CA THR A 100 33.05 24.52 3.44
C THR A 100 32.85 23.01 3.44
N PHE A 101 32.29 22.48 2.37
CA PHE A 101 31.89 21.06 2.34
C PHE A 101 33.02 20.19 1.80
N ARG A 102 34.15 20.24 2.47
CA ARG A 102 35.25 19.34 2.16
C ARG A 102 34.88 17.95 2.66
N PRO A 103 34.90 16.93 1.80
CA PRO A 103 34.45 15.60 2.23
C PRO A 103 35.32 15.02 3.33
N ARG A 104 34.69 14.30 4.25
CA ARG A 104 35.39 13.64 5.34
C ARG A 104 34.75 12.29 5.60
N ARG A 105 35.58 11.27 5.77
CA ARG A 105 35.12 9.88 5.89
C ARG A 105 34.90 9.56 7.36
N HIS A 106 33.67 9.74 7.82
CA HIS A 106 33.36 9.67 9.25
C HIS A 106 32.82 8.30 9.68
N GLN A 107 33.58 7.26 9.32
CA GLN A 107 33.61 5.99 10.06
C GLN A 107 32.34 5.14 9.98
N THR A 108 31.24 5.71 9.48
CA THR A 108 29.99 5.00 9.15
C THR A 108 29.66 3.80 10.05
N VAL A 109 29.55 4.01 11.35
CA VAL A 109 29.33 2.90 12.28
C VAL A 109 27.83 2.61 12.38
N GLN A 110 27.49 1.42 12.88
CA GLN A 110 26.12 0.95 12.91
C GLN A 110 25.71 0.31 14.23
N THR A 111 26.38 0.64 15.34
CA THR A 111 26.00 0.08 16.64
C THR A 111 25.07 1.05 17.36
N CYS A 112 23.87 1.18 16.80
CA CYS A 112 23.01 2.31 17.11
C CYS A 112 21.56 1.85 17.13
N ASN A 113 20.85 2.10 18.23
CA ASN A 113 19.38 1.99 18.19
C ASN A 113 18.73 3.30 17.79
N CYS A 114 19.36 4.11 16.93
CA CYS A 114 18.84 5.45 16.68
C CYS A 114 17.43 5.39 16.08
N SER A 115 16.52 6.18 16.67
CA SER A 115 15.12 6.19 16.27
C SER A 115 14.53 4.78 16.29
N HIS A 124 2.07 14.58 21.87
CA HIS A 124 2.43 14.31 20.49
C HIS A 124 1.19 14.32 19.59
N ARG A 125 0.11 13.70 20.09
CA ARG A 125 -1.13 13.66 19.33
C ARG A 125 -1.73 15.05 19.15
N MET A 126 -1.66 15.90 20.19
CA MET A 126 -2.16 17.26 20.06
C MET A 126 -1.35 18.05 19.04
N ALA A 127 -0.03 17.87 19.03
CA ALA A 127 0.80 18.54 18.03
C ALA A 127 0.47 18.04 16.63
N TRP A 128 0.24 16.74 16.48
CA TRP A 128 -0.15 16.20 15.17
C TRP A 128 -1.49 16.78 14.72
N ASP A 129 -2.45 16.89 15.64
CA ASP A 129 -3.74 17.48 15.30
C ASP A 129 -3.61 18.93 14.89
N MET A 130 -2.78 19.69 15.61
CA MET A 130 -2.55 21.09 15.25
C MET A 130 -1.88 21.20 13.88
N MET A 131 -0.93 20.31 13.58
CA MET A 131 -0.29 20.32 12.28
C MET A 131 -1.29 19.97 11.17
N MET A 132 -2.17 19.01 11.43
CA MET A 132 -3.20 18.67 10.45
C MET A 132 -4.15 19.85 10.22
N ASN A 133 -4.53 20.55 11.29
CA ASN A 133 -5.38 21.71 11.15
C ASN A 133 -4.70 22.81 10.35
N TRP A 134 -3.40 23.01 10.59
CA TRP A 134 -2.64 23.99 9.80
C TRP A 134 -2.57 23.58 8.34
N SER A 135 -2.40 22.29 8.08
CA SER A 135 -2.40 21.80 6.70
C SER A 135 -3.73 22.04 6.02
N PRO A 136 -4.83 21.82 6.73
CA PRO A 136 -6.17 22.07 6.19
C PRO A 136 -6.41 23.57 6.03
N ALA A 137 4.93 28.82 5.48
CA ALA A 137 5.25 30.10 4.86
C ALA A 137 4.78 31.25 5.74
N VAL A 138 3.46 31.32 5.94
CA VAL A 138 2.89 32.37 6.78
C VAL A 138 3.36 32.22 8.23
N GLY A 139 3.53 30.98 8.69
CA GLY A 139 4.10 30.78 10.01
C GLY A 139 5.51 31.32 10.10
N MET A 140 6.31 31.10 9.06
CA MET A 140 7.64 31.69 9.04
C MET A 140 7.56 33.21 9.06
N VAL A 141 6.63 33.78 8.29
CA VAL A 141 6.50 35.24 8.23
C VAL A 141 6.18 35.80 9.61
N VAL A 142 5.21 35.20 10.29
CA VAL A 142 4.81 35.72 11.59
C VAL A 142 5.92 35.50 12.62
N ALA A 143 6.63 34.37 12.52
CA ALA A 143 7.77 34.14 13.41
C ALA A 143 8.83 35.21 13.20
N HIS A 144 9.09 35.59 11.95
CA HIS A 144 10.08 36.62 11.68
C HIS A 144 9.63 37.97 12.21
N ILE A 145 8.36 38.34 11.97
CA ILE A 145 7.90 39.65 12.39
C ILE A 145 7.88 39.76 13.90
N LEU A 146 7.56 38.67 14.60
CA LEU A 146 7.70 38.70 16.06
C LEU A 146 9.16 38.60 16.48
N ARG A 147 10.04 38.13 15.59
CA ARG A 147 11.45 38.00 15.90
C ARG A 147 12.27 39.21 15.49
N LEU A 148 11.70 40.13 14.72
CA LEU A 148 12.44 41.33 14.35
C LEU A 148 12.92 42.17 15.55
N PRO A 149 12.15 42.32 16.64
CA PRO A 149 12.67 43.13 17.75
C PRO A 149 14.02 42.65 18.27
N GLN A 150 14.15 41.35 18.55
CA GLN A 150 15.43 40.85 19.05
C GLN A 150 16.52 40.94 17.99
N THR A 151 16.16 40.86 16.71
CA THR A 151 17.14 41.12 15.67
C THR A 151 17.70 42.52 15.81
N LEU A 152 16.83 43.52 15.88
CA LEU A 152 17.29 44.90 16.04
C LEU A 152 18.11 45.07 17.31
N PHE A 153 17.69 44.39 18.38
CA PHE A 153 18.42 44.49 19.65
C PHE A 153 19.82 43.94 19.52
N ASP A 154 19.99 42.84 18.79
CA ASP A 154 21.34 42.29 18.66
C ASP A 154 22.18 43.08 17.67
N ILE A 155 21.56 43.73 16.67
CA ILE A 155 22.32 44.73 15.90
C ILE A 155 22.84 45.82 16.82
N LEU A 156 21.97 46.38 17.66
CA LEU A 156 22.40 47.47 18.52
C LEU A 156 23.23 47.01 19.71
N ALA A 157 23.36 45.70 19.91
CA ALA A 157 24.16 45.14 21.00
C ALA A 157 25.35 44.33 20.55
N GLY A 158 25.25 43.67 19.39
CA GLY A 158 26.33 42.85 18.88
C GLY A 158 27.28 43.55 17.94
N ALA A 159 27.23 44.88 17.87
CA ALA A 159 28.08 45.67 16.98
C ALA A 159 27.92 45.21 15.53
N HIS A 160 26.69 44.93 15.14
CA HIS A 160 26.38 44.50 13.77
C HIS A 160 26.32 45.73 12.85
N TRP A 161 27.43 46.46 12.82
CA TRP A 161 27.51 47.69 12.04
C TRP A 161 27.30 47.42 10.56
N GLY A 162 27.91 46.34 10.04
CA GLY A 162 27.68 45.99 8.65
C GLY A 162 26.23 45.69 8.36
N VAL A 163 25.57 44.95 9.27
CA VAL A 163 24.17 44.60 9.07
C VAL A 163 23.32 45.86 9.00
N LEU A 164 23.44 46.73 10.01
CA LEU A 164 22.60 47.92 10.04
C LEU A 164 22.91 48.86 8.88
N ALA A 165 24.18 48.93 8.48
CA ALA A 165 24.54 49.73 7.33
C ALA A 165 23.88 49.21 6.05
N GLY A 166 23.82 47.88 5.90
CA GLY A 166 23.12 47.33 4.76
C GLY A 166 21.63 47.65 4.78
N ILE A 167 21.00 47.49 5.94
CA ILE A 167 19.58 47.85 6.07
C ILE A 167 19.37 49.29 5.65
N ALA A 168 20.19 50.22 6.16
CA ALA A 168 20.01 51.62 5.82
C ALA A 168 20.26 51.85 4.34
N TYR A 169 21.41 51.41 3.83
CA TYR A 169 21.78 51.67 2.44
C TYR A 169 20.73 51.16 1.48
N PHE A 170 20.02 50.10 1.82
CA PHE A 170 18.94 49.76 0.90
C PHE A 170 17.66 50.51 1.27
N SER A 171 17.55 51.00 2.51
CA SER A 171 16.40 51.81 2.87
C SER A 171 16.35 53.12 2.10
N MET A 172 17.51 53.62 1.65
CA MET A 172 17.47 54.70 0.66
C MET A 172 16.60 54.34 -0.53
N VAL A 173 16.77 53.14 -1.06
CA VAL A 173 15.81 52.65 -2.06
C VAL A 173 14.49 52.32 -1.40
N GLY A 174 14.53 51.57 -0.30
CA GLY A 174 13.38 51.43 0.57
C GLY A 174 12.25 50.57 0.05
N ASN A 175 12.45 49.82 -1.03
CA ASN A 175 11.39 48.97 -1.53
C ASN A 175 11.07 47.86 -0.53
N TRP A 176 9.79 47.47 -0.48
CA TRP A 176 9.27 46.68 0.62
C TRP A 176 10.02 45.35 0.76
N ALA A 177 9.87 44.47 -0.23
CA ALA A 177 10.34 43.10 -0.09
C ALA A 177 11.86 42.99 -0.05
N LYS A 178 12.57 44.07 -0.35
CA LYS A 178 14.03 43.97 -0.47
C LYS A 178 14.68 43.75 0.89
N VAL A 179 14.49 44.70 1.81
CA VAL A 179 14.99 44.49 3.16
C VAL A 179 14.31 43.29 3.81
N LEU A 180 13.11 42.95 3.36
CA LEU A 180 12.45 41.75 3.86
C LEU A 180 13.36 40.54 3.74
N VAL A 181 14.12 40.43 2.65
CA VAL A 181 14.93 39.25 2.44
C VAL A 181 16.07 39.18 3.44
N VAL A 182 16.66 40.32 3.82
CA VAL A 182 17.73 40.25 4.81
C VAL A 182 17.16 39.93 6.17
N LEU A 183 15.94 40.40 6.45
CA LEU A 183 15.30 39.97 7.70
C LEU A 183 15.06 38.46 7.71
N LEU A 184 14.59 37.90 6.59
CA LEU A 184 14.42 36.45 6.53
C LEU A 184 15.74 35.73 6.68
N LEU A 185 16.80 36.27 6.08
CA LEU A 185 18.12 35.66 6.21
C LEU A 185 18.54 35.60 7.67
N PHE A 186 18.40 36.72 8.38
CA PHE A 186 18.79 36.76 9.78
C PHE A 186 17.96 35.78 10.60
N ALA A 187 16.65 35.74 10.34
CA ALA A 187 15.78 34.82 11.08
C ALA A 187 16.18 33.37 10.81
N GLY A 188 16.48 33.04 9.56
CA GLY A 188 16.84 31.68 9.24
C GLY A 188 18.17 31.26 9.84
N VAL A 189 19.15 32.16 9.85
CA VAL A 189 20.48 31.77 10.31
C VAL A 189 20.55 31.75 11.82
N ASP A 190 20.04 32.78 12.50
CA ASP A 190 20.19 32.85 13.94
C ASP A 190 19.33 31.81 14.64
N ALA A 191 18.15 31.53 14.13
CA ALA A 191 17.25 30.54 14.72
C ALA A 191 16.26 30.01 13.68
N GLU B 1 6.59 -3.74 30.47
CA GLU B 1 5.79 -4.95 30.27
C GLU B 1 5.30 -5.03 28.83
N THR B 2 5.51 -6.18 28.21
CA THR B 2 5.17 -6.38 26.80
C THR B 2 3.73 -6.89 26.70
N TYR B 3 2.88 -6.11 26.05
CA TYR B 3 1.49 -6.47 25.87
C TYR B 3 1.00 -5.85 24.56
N VAL B 4 -0.30 -6.01 24.27
CA VAL B 4 -0.88 -5.55 23.02
C VAL B 4 -2.09 -4.68 23.34
N THR B 5 -2.59 -4.02 22.29
CA THR B 5 -3.79 -3.19 22.38
C THR B 5 -4.93 -3.72 21.53
N GLY B 6 -4.70 -3.98 20.24
CA GLY B 6 -5.73 -4.43 19.34
C GLY B 6 -5.95 -5.92 19.32
N GLY B 7 -5.26 -6.68 20.18
CA GLY B 7 -5.39 -8.12 20.19
C GLY B 7 -6.76 -8.61 20.62
N SER B 8 -7.48 -9.23 19.71
CA SER B 8 -8.78 -9.82 20.00
C SER B 8 -8.62 -11.33 20.21
N VAL B 9 -9.23 -11.84 21.27
CA VAL B 9 -9.12 -13.24 21.64
C VAL B 9 -10.51 -13.87 21.55
N ALA B 10 -10.58 -15.06 20.93
CA ALA B 10 -11.82 -15.79 20.78
C ALA B 10 -11.90 -17.00 21.69
N HIS B 11 -11.11 -17.02 22.77
CA HIS B 11 -11.10 -18.17 23.66
C HIS B 11 -12.43 -18.34 24.39
N SER B 12 -13.17 -17.25 24.59
CA SER B 12 -14.46 -17.30 25.27
C SER B 12 -15.49 -16.48 24.51
N ALA B 13 -15.52 -16.65 23.19
CA ALA B 13 -16.52 -15.99 22.35
C ALA B 13 -17.84 -16.76 22.40
N ARG B 14 -18.35 -16.92 23.61
CA ARG B 14 -19.52 -17.74 23.85
C ARG B 14 -20.23 -17.27 25.10
N GLY B 15 -21.49 -17.69 25.25
CA GLY B 15 -22.23 -17.50 26.47
C GLY B 15 -23.60 -18.16 26.43
N LEU B 16 -23.91 -18.95 27.45
CA LEU B 16 -25.19 -19.66 27.56
C LEU B 16 -25.51 -20.45 26.29
N THR B 17 -24.48 -21.02 25.67
CA THR B 17 -24.63 -21.81 24.45
C THR B 17 -24.79 -23.29 24.75
N SER B 18 -25.37 -23.64 25.91
CA SER B 18 -25.47 -25.01 26.38
C SER B 18 -26.60 -25.80 25.72
N LEU B 19 -27.13 -25.35 24.59
CA LEU B 19 -28.11 -26.15 23.86
C LEU B 19 -27.49 -27.47 23.41
N PHE B 20 -26.27 -27.42 22.87
CA PHE B 20 -25.50 -28.64 22.65
C PHE B 20 -24.84 -29.09 23.94
N SER B 21 -24.10 -28.18 24.58
CA SER B 21 -23.54 -28.35 25.92
C SER B 21 -22.41 -29.38 25.96
N MET B 22 -22.21 -30.14 24.87
CA MET B 22 -21.14 -31.13 24.86
C MET B 22 -20.67 -31.24 23.41
N GLY B 23 -19.63 -30.47 23.07
CA GLY B 23 -18.87 -30.61 21.84
C GLY B 23 -19.66 -30.67 20.54
N ALA B 24 -20.95 -30.38 20.59
CA ALA B 24 -21.87 -30.63 19.47
C ALA B 24 -21.75 -32.06 18.95
N LYS B 25 -21.29 -32.96 19.80
CA LYS B 25 -21.17 -34.42 19.65
C LYS B 25 -19.97 -34.84 18.78
N GLN B 26 -19.27 -33.94 18.11
CA GLN B 26 -18.10 -34.33 17.31
C GLN B 26 -16.82 -34.03 18.09
N LYS B 27 -16.54 -34.89 19.07
CA LYS B 27 -15.41 -34.67 19.95
C LYS B 27 -14.10 -34.55 19.19
N LEU B 28 -13.34 -33.51 19.51
CA LEU B 28 -12.05 -33.22 18.89
C LEU B 28 -10.98 -33.31 19.97
N GLN B 29 -10.12 -34.31 19.86
CA GLN B 29 -9.04 -34.47 20.82
C GLN B 29 -7.90 -35.23 20.16
N LEU B 30 -6.70 -35.02 20.67
CA LEU B 30 -5.51 -35.66 20.12
C LEU B 30 -5.28 -37.00 20.77
N VAL B 31 -4.68 -37.91 20.01
CA VAL B 31 -4.29 -39.22 20.50
C VAL B 31 -2.90 -39.55 19.98
N ASN B 32 -2.24 -40.47 20.66
CA ASN B 32 -0.95 -40.97 20.21
C ASN B 32 -1.15 -42.20 19.32
N THR B 33 -0.26 -42.35 18.35
CA THR B 33 -0.34 -43.47 17.42
C THR B 33 1.09 -43.89 17.07
N ASN B 34 1.59 -44.92 17.75
CA ASN B 34 2.93 -45.42 17.54
C ASN B 34 3.97 -44.31 17.65
N GLY B 35 3.81 -43.48 18.67
CA GLY B 35 4.69 -42.35 18.86
C GLY B 35 4.37 -41.15 18.00
N SER B 36 3.20 -41.11 17.37
CA SER B 36 2.79 -39.99 16.55
C SER B 36 1.46 -39.46 17.07
N TRP B 37 1.34 -38.14 17.10
CA TRP B 37 0.18 -37.47 17.70
C TRP B 37 -0.60 -36.73 16.62
N HIS B 38 -1.77 -37.25 16.28
CA HIS B 38 -2.69 -36.64 15.35
C HIS B 38 -4.07 -36.58 15.98
N ILE B 39 -5.04 -36.12 15.20
CA ILE B 39 -6.41 -36.00 15.69
C ILE B 39 -7.09 -37.36 15.64
N ASN B 40 -7.88 -37.67 16.66
CA ASN B 40 -8.62 -38.92 16.68
C ASN B 40 -9.74 -38.86 15.65
N SER B 41 -9.49 -39.43 14.47
CA SER B 41 -10.44 -39.34 13.37
C SER B 41 -11.62 -40.28 13.51
N THR B 42 -11.62 -41.14 14.52
CA THR B 42 -12.66 -42.16 14.63
C THR B 42 -14.04 -41.54 14.77
N ALA B 43 -14.32 -40.87 15.89
CA ALA B 43 -15.65 -40.28 16.05
C ALA B 43 -15.85 -39.16 15.03
N LEU B 44 -15.23 -38.01 15.28
CA LEU B 44 -14.77 -37.05 14.28
C LEU B 44 -15.57 -37.09 12.98
N ASN B 45 -16.86 -36.76 13.06
CA ASN B 45 -17.73 -36.77 11.88
C ASN B 45 -17.05 -36.10 10.69
N CYS B 46 -17.35 -36.54 9.48
CA CYS B 46 -16.54 -36.17 8.32
C CYS B 46 -17.32 -35.52 7.19
N ASN B 47 -18.54 -35.97 6.92
CA ASN B 47 -19.30 -35.55 5.75
C ASN B 47 -20.22 -34.37 6.03
N GLU B 48 -19.82 -33.46 6.91
CA GLU B 48 -20.71 -32.38 7.34
C GLU B 48 -20.80 -31.30 6.27
N SER B 49 -21.77 -30.41 6.47
CA SER B 49 -21.94 -29.24 5.63
C SER B 49 -21.15 -28.07 6.21
N ILE B 50 -21.08 -26.99 5.42
CA ILE B 50 -20.31 -25.82 5.83
C ILE B 50 -20.91 -25.21 7.10
N ASN B 51 -22.24 -25.08 7.14
CA ASN B 51 -22.88 -24.48 8.32
C ASN B 51 -22.73 -25.36 9.56
N THR B 52 -22.87 -26.68 9.38
CA THR B 52 -22.68 -27.58 10.52
C THR B 52 -21.27 -27.51 11.06
N GLY B 53 -20.27 -27.50 10.17
CA GLY B 53 -18.89 -27.34 10.62
C GLY B 53 -18.64 -25.98 11.26
N PHE B 54 -19.29 -24.94 10.73
CA PHE B 54 -19.15 -23.61 11.33
C PHE B 54 -19.69 -23.58 12.74
N ILE B 55 -20.85 -24.21 12.98
CA ILE B 55 -21.38 -24.30 14.33
C ILE B 55 -20.46 -25.13 15.22
N ALA B 56 -19.92 -26.23 14.70
CA ALA B 56 -19.01 -27.07 15.47
C ALA B 56 -17.79 -26.27 15.91
N GLY B 57 -17.18 -25.53 14.98
CA GLY B 57 -16.08 -24.66 15.34
C GLY B 57 -16.48 -23.57 16.31
N LEU B 58 -17.71 -23.08 16.20
CA LEU B 58 -18.20 -22.08 17.13
C LEU B 58 -18.23 -22.62 18.56
N PHE B 59 -18.65 -23.86 18.72
CA PHE B 59 -18.79 -24.43 20.06
C PHE B 59 -17.46 -24.91 20.65
N TYR B 60 -16.36 -24.84 19.91
CA TYR B 60 -15.09 -25.38 20.38
C TYR B 60 -14.21 -24.23 20.90
N TYR B 61 -14.33 -23.95 22.20
CA TYR B 61 -13.52 -22.93 22.83
C TYR B 61 -12.87 -23.42 24.12
N HIS B 62 -13.49 -24.39 24.77
CA HIS B 62 -13.13 -24.73 26.15
C HIS B 62 -12.74 -26.19 26.34
N LYS B 63 -13.44 -27.11 25.70
CA LYS B 63 -13.31 -28.54 25.96
C LYS B 63 -12.05 -29.15 25.37
N PHE B 64 -11.08 -28.33 24.96
CA PHE B 64 -9.86 -28.82 24.34
C PHE B 64 -8.97 -29.45 25.41
N ASN B 65 -8.90 -30.78 25.41
CA ASN B 65 -8.02 -31.50 26.35
C ASN B 65 -6.60 -31.47 25.78
N SER B 66 -6.00 -30.28 25.82
CA SER B 66 -4.67 -30.08 25.26
C SER B 66 -3.62 -30.72 26.14
N THR B 67 -3.55 -32.05 26.13
CA THR B 67 -2.62 -32.77 27.01
C THR B 67 -1.30 -33.07 26.30
N GLY B 68 -1.35 -33.77 25.18
CA GLY B 68 -0.14 -34.08 24.44
C GLY B 68 0.37 -32.98 23.56
N CYS B 69 -0.29 -31.82 23.60
CA CYS B 69 0.11 -30.70 22.75
C CYS B 69 1.55 -30.29 22.95
N PRO B 70 2.07 -30.16 24.17
CA PRO B 70 3.49 -29.75 24.29
C PRO B 70 4.46 -30.74 23.68
N GLN B 71 4.36 -32.02 24.04
CA GLN B 71 5.28 -33.00 23.50
C GLN B 71 5.14 -33.12 21.99
N ARG B 72 3.93 -32.90 21.46
CA ARG B 72 3.77 -32.85 20.02
C ARG B 72 4.50 -31.66 19.43
N LEU B 73 4.40 -30.50 20.06
CA LEU B 73 5.06 -29.30 19.57
C LEU B 73 6.56 -29.33 19.77
N SER B 74 7.08 -30.29 20.54
CA SER B 74 8.52 -30.39 20.75
C SER B 74 9.27 -30.54 19.44
N SER B 75 8.62 -31.08 18.41
CA SER B 75 9.28 -31.23 17.12
C SER B 75 9.54 -29.89 16.46
N CYS B 76 8.67 -28.92 16.67
CA CYS B 76 8.87 -27.62 16.04
C CYS B 76 10.08 -26.92 16.63
N LYS B 77 10.60 -25.95 15.87
CA LYS B 77 11.78 -25.20 16.27
C LYS B 77 11.52 -23.71 16.13
N PRO B 78 12.13 -22.90 16.98
CA PRO B 78 12.07 -21.45 16.80
C PRO B 78 12.98 -21.03 15.66
N ILE B 79 12.74 -19.80 15.17
CA ILE B 79 13.48 -19.31 14.02
C ILE B 79 14.96 -19.19 14.32
N ILE B 80 15.34 -19.08 15.60
CA ILE B 80 16.74 -18.92 15.95
C ILE B 80 17.53 -20.17 15.60
N SER B 81 16.92 -21.35 15.73
CA SER B 81 17.66 -22.60 15.66
C SER B 81 18.34 -22.83 14.31
N PHE B 82 17.80 -22.24 13.24
CA PHE B 82 18.36 -22.50 11.92
C PHE B 82 19.66 -21.71 11.72
N ARG B 83 20.24 -21.86 10.54
CA ARG B 83 21.48 -21.17 10.19
C ARG B 83 21.17 -19.93 9.35
N GLN B 84 22.21 -19.17 9.07
CA GLN B 84 22.08 -17.90 8.38
C GLN B 84 21.75 -18.12 6.90
N GLY B 85 21.37 -17.03 6.24
CA GLY B 85 21.09 -17.06 4.83
C GLY B 85 21.71 -15.87 4.13
N TRP B 86 21.95 -16.04 2.83
CA TRP B 86 22.61 -15.01 2.02
C TRP B 86 22.38 -15.33 0.55
N GLY B 87 22.65 -14.34 -0.28
CA GLY B 87 22.65 -14.53 -1.71
C GLY B 87 21.26 -14.46 -2.33
N PRO B 88 21.20 -14.50 -3.65
CA PRO B 88 19.91 -14.47 -4.33
C PRO B 88 19.12 -15.75 -4.07
N LEU B 89 17.80 -15.61 -4.11
CA LEU B 89 16.92 -16.73 -3.80
C LEU B 89 16.94 -17.76 -4.91
N THR B 90 16.57 -18.99 -4.56
CA THR B 90 16.29 -20.01 -5.56
C THR B 90 15.02 -20.75 -5.14
N ASP B 91 14.47 -21.54 -6.06
CA ASP B 91 13.29 -22.33 -5.76
C ASP B 91 13.73 -23.73 -5.35
N ALA B 92 13.31 -24.16 -4.16
CA ALA B 92 13.71 -25.45 -3.65
C ALA B 92 13.04 -26.57 -4.44
N ASN B 93 13.48 -27.80 -4.16
CA ASN B 93 12.99 -28.99 -4.85
C ASN B 93 12.66 -30.03 -3.79
N ILE B 94 11.43 -30.01 -3.29
CA ILE B 94 11.00 -30.94 -2.27
C ILE B 94 10.73 -32.28 -2.92
N THR B 95 11.47 -33.31 -2.52
CA THR B 95 11.38 -34.64 -3.10
C THR B 95 11.51 -35.67 -1.99
N GLY B 96 11.10 -36.90 -2.31
CA GLY B 96 11.26 -38.01 -1.41
C GLY B 96 10.41 -37.88 -0.16
N PRO B 97 10.70 -38.69 0.84
CA PRO B 97 9.94 -38.61 2.09
C PRO B 97 10.17 -37.29 2.81
N SER B 98 9.14 -36.83 3.50
CA SER B 98 9.20 -35.62 4.32
C SER B 98 8.88 -36.04 5.75
N ASP B 99 9.91 -36.47 6.48
CA ASP B 99 9.71 -36.94 7.84
C ASP B 99 9.27 -35.83 8.79
N ASP B 100 9.48 -34.57 8.41
CA ASP B 100 9.09 -33.47 9.28
C ASP B 100 7.59 -33.43 9.47
N ARG B 101 7.18 -33.06 10.67
CA ARG B 101 5.77 -32.96 10.99
C ARG B 101 5.19 -31.72 10.33
N PRO B 102 4.17 -31.85 9.48
CA PRO B 102 3.72 -30.69 8.68
C PRO B 102 3.15 -29.56 9.51
N TYR B 103 2.71 -29.81 10.74
CA TYR B 103 2.03 -28.75 11.48
C TYR B 103 2.98 -27.65 11.94
N CYS B 104 4.28 -27.89 11.91
CA CYS B 104 5.23 -26.85 12.26
C CYS B 104 5.13 -25.69 11.28
N TRP B 105 5.42 -24.49 11.77
CA TRP B 105 5.31 -23.31 10.93
C TRP B 105 6.28 -23.35 9.76
N HIS B 106 7.41 -24.02 9.91
CA HIS B 106 8.48 -24.01 8.91
C HIS B 106 8.52 -25.31 8.11
N TYR B 107 7.38 -25.87 7.77
CA TYR B 107 7.33 -27.13 7.03
C TYR B 107 7.26 -26.84 5.54
N ALA B 108 8.23 -27.36 4.80
CA ALA B 108 8.24 -27.19 3.35
C ALA B 108 7.30 -28.20 2.71
N PRO B 109 6.30 -27.79 1.97
CA PRO B 109 5.37 -28.73 1.34
C PRO B 109 5.80 -29.11 -0.06
N ARG B 110 5.15 -30.14 -0.59
CA ARG B 110 5.31 -30.53 -1.96
C ARG B 110 4.42 -29.67 -2.87
N PRO B 111 4.71 -29.63 -4.17
CA PRO B 111 3.82 -28.91 -5.08
C PRO B 111 2.41 -29.49 -5.05
N CYS B 112 1.42 -28.61 -5.16
CA CYS B 112 0.02 -29.00 -5.03
C CYS B 112 -0.43 -29.71 -6.29
N SER B 113 -0.45 -31.04 -6.25
CA SER B 113 -0.91 -31.86 -7.36
C SER B 113 -2.35 -32.28 -7.13
N VAL B 114 -2.83 -33.21 -7.97
CA VAL B 114 -4.16 -33.77 -7.78
C VAL B 114 -4.18 -34.63 -6.50
N VAL B 115 -5.39 -34.86 -5.99
CA VAL B 115 -5.55 -35.66 -4.78
C VAL B 115 -6.95 -36.25 -4.71
N PRO B 116 -7.09 -37.57 -4.56
CA PRO B 116 -8.43 -38.16 -4.50
C PRO B 116 -9.16 -37.75 -3.23
N ALA B 117 -10.42 -37.38 -3.39
CA ALA B 117 -11.23 -36.99 -2.24
C ALA B 117 -11.65 -38.17 -1.38
N SER B 118 -11.43 -39.39 -1.84
CA SER B 118 -11.72 -40.56 -1.03
C SER B 118 -10.87 -40.62 0.23
N SER B 119 -9.79 -39.84 0.29
CA SER B 119 -8.91 -39.86 1.45
C SER B 119 -8.76 -38.46 2.04
N VAL B 120 -9.87 -37.73 2.17
CA VAL B 120 -9.85 -36.43 2.82
C VAL B 120 -11.09 -36.32 3.69
N CYS B 121 -10.94 -35.68 4.85
CA CYS B 121 -12.07 -35.39 5.73
C CYS B 121 -12.13 -33.90 5.98
N GLY B 122 -13.32 -33.34 5.86
CA GLY B 122 -13.51 -31.92 6.02
C GLY B 122 -13.16 -31.16 4.77
N PRO B 123 -13.43 -29.86 4.76
CA PRO B 123 -13.14 -29.06 3.57
C PRO B 123 -11.65 -28.90 3.38
N VAL B 124 -11.26 -28.66 2.14
CA VAL B 124 -9.88 -28.36 1.78
C VAL B 124 -9.77 -26.86 1.52
N TYR B 125 -8.75 -26.25 2.11
CA TYR B 125 -8.63 -24.81 2.13
C TYR B 125 -7.36 -24.40 1.40
N CYS B 126 -7.49 -23.59 0.37
CA CYS B 126 -6.35 -23.00 -0.29
C CYS B 126 -6.15 -21.58 0.24
N PHE B 127 -4.91 -21.12 0.22
CA PHE B 127 -4.57 -19.93 0.99
C PHE B 127 -3.95 -18.84 0.14
N THR B 128 -4.58 -18.52 -0.98
CA THR B 128 -4.53 -17.14 -1.43
C THR B 128 -4.78 -16.34 -0.16
N PRO B 129 -4.00 -15.30 0.13
CA PRO B 129 -3.98 -14.71 1.48
C PRO B 129 -5.34 -14.62 2.18
N SER B 130 -6.39 -14.38 1.41
CA SER B 130 -7.74 -14.53 1.96
C SER B 130 -8.17 -15.98 1.73
N PRO B 131 -8.34 -16.77 2.79
CA PRO B 131 -8.53 -18.21 2.61
C PRO B 131 -9.78 -18.54 1.81
N VAL B 132 -9.70 -19.61 1.02
CA VAL B 132 -10.80 -20.02 0.16
C VAL B 132 -10.98 -21.52 0.26
N VAL B 133 -12.19 -21.97 -0.07
CA VAL B 133 -12.57 -23.37 -0.05
C VAL B 133 -12.49 -23.91 -1.47
N VAL B 134 -12.02 -25.15 -1.61
CA VAL B 134 -11.94 -25.77 -2.92
C VAL B 134 -12.90 -26.94 -3.01
N GLY B 135 -13.67 -26.98 -4.11
CA GLY B 135 -14.59 -28.06 -4.37
C GLY B 135 -13.97 -29.16 -5.21
N THR B 136 -14.84 -29.97 -5.81
CA THR B 136 -14.41 -31.15 -6.55
C THR B 136 -15.09 -31.19 -7.91
N THR B 137 -14.80 -32.26 -8.64
CA THR B 137 -15.39 -32.57 -9.94
C THR B 137 -14.98 -33.99 -10.31
N ASP B 138 -15.91 -34.74 -10.90
CA ASP B 138 -15.76 -36.19 -11.00
C ASP B 138 -14.54 -36.58 -11.84
N ILE B 139 -13.71 -37.46 -11.29
CA ILE B 139 -12.54 -37.95 -12.00
C ILE B 139 -12.94 -38.89 -13.13
N LYS B 140 -14.01 -39.67 -12.91
CA LYS B 140 -14.40 -40.70 -13.88
C LYS B 140 -14.72 -40.10 -15.25
N GLY B 141 -15.20 -38.86 -15.28
CA GLY B 141 -15.50 -38.21 -16.55
C GLY B 141 -14.25 -37.82 -17.31
N LYS B 142 -13.39 -37.03 -16.67
CA LYS B 142 -12.19 -36.54 -17.32
C LYS B 142 -11.16 -37.65 -17.49
N PRO B 143 -10.16 -37.45 -18.35
CA PRO B 143 -9.13 -38.47 -18.55
C PRO B 143 -8.14 -38.58 -17.40
N THR B 144 -8.44 -37.96 -16.25
CA THR B 144 -7.61 -38.15 -15.06
C THR B 144 -7.49 -39.63 -14.72
N TYR B 145 -8.58 -40.38 -14.91
CA TYR B 145 -8.55 -41.83 -15.12
C TYR B 145 -7.90 -42.59 -13.95
N ASN B 146 -8.62 -42.56 -12.83
CA ASN B 146 -8.49 -43.59 -11.80
C ASN B 146 -7.11 -43.58 -11.14
N TRP B 147 -6.81 -42.48 -10.44
CA TRP B 147 -5.68 -42.52 -9.52
C TRP B 147 -5.83 -43.62 -8.49
N GLY B 148 -7.07 -43.94 -8.10
CA GLY B 148 -7.33 -45.01 -7.16
C GLY B 148 -8.17 -46.11 -7.76
N GLU B 149 -9.35 -46.34 -7.20
CA GLU B 149 -10.27 -47.36 -7.71
C GLU B 149 -11.69 -46.90 -7.44
N ASN B 150 -12.50 -46.84 -8.51
CA ASN B 150 -13.91 -46.43 -8.45
C ASN B 150 -14.11 -45.15 -7.63
N GLU B 151 -13.08 -44.32 -7.56
CA GLU B 151 -13.20 -43.06 -6.84
C GLU B 151 -13.81 -41.99 -7.74
N THR B 152 -14.31 -40.93 -7.12
CA THR B 152 -14.97 -39.85 -7.84
C THR B 152 -14.65 -38.53 -7.18
N ASP B 153 -14.72 -37.46 -7.99
CA ASP B 153 -14.65 -36.08 -7.51
C ASP B 153 -13.35 -35.80 -6.75
N VAL B 154 -12.26 -35.90 -7.49
CA VAL B 154 -10.93 -35.67 -6.94
C VAL B 154 -10.64 -34.18 -6.91
N PHE B 155 -9.95 -33.74 -5.86
CA PHE B 155 -9.50 -32.36 -5.77
C PHE B 155 -8.30 -32.14 -6.68
N LEU B 156 -8.22 -30.96 -7.26
CA LEU B 156 -7.03 -30.57 -8.04
C LEU B 156 -6.70 -29.13 -7.69
N LEU B 157 -5.41 -28.86 -7.47
CA LEU B 157 -4.96 -27.52 -7.11
C LEU B 157 -4.06 -26.91 -8.18
N GLU B 158 -2.92 -27.54 -8.45
CA GLU B 158 -2.05 -27.25 -9.60
C GLU B 158 -1.94 -25.74 -9.86
N SER B 159 -1.48 -25.02 -8.85
CA SER B 159 -1.40 -23.57 -8.94
C SER B 159 0.05 -23.11 -8.85
N LEU B 160 0.35 -22.03 -9.57
CA LEU B 160 1.64 -21.38 -9.49
C LEU B 160 1.58 -20.30 -8.41
N ARG B 161 2.60 -19.45 -8.35
CA ARG B 161 2.58 -18.36 -7.40
C ARG B 161 1.37 -17.45 -7.67
N PRO B 162 0.68 -17.01 -6.62
CA PRO B 162 -0.64 -16.37 -6.79
C PRO B 162 -0.61 -15.17 -7.70
N PRO B 163 0.48 -14.39 -7.76
CA PRO B 163 0.53 -13.34 -8.80
C PRO B 163 0.29 -13.90 -10.19
N SER B 164 0.79 -15.09 -10.47
CA SER B 164 0.48 -15.80 -11.71
C SER B 164 -0.49 -16.95 -11.49
N GLY B 165 -0.24 -17.77 -10.49
CA GLY B 165 -1.11 -18.89 -10.18
C GLY B 165 -2.35 -18.46 -9.43
N ARG B 166 -2.91 -19.40 -8.68
CA ARG B 166 -4.18 -19.17 -7.99
C ARG B 166 -4.05 -19.05 -6.48
N TRP B 167 -3.12 -19.77 -5.86
CA TRP B 167 -2.99 -19.72 -4.42
C TRP B 167 -1.59 -20.18 -4.02
N PHE B 168 -1.20 -19.82 -2.80
CA PHE B 168 0.12 -20.20 -2.30
C PHE B 168 0.15 -21.69 -1.96
N GLY B 169 -0.69 -22.12 -1.05
CA GLY B 169 -0.71 -23.52 -0.65
C GLY B 169 -2.04 -23.87 -0.03
N CYS B 170 -2.33 -25.17 0.00
CA CYS B 170 -3.60 -25.65 0.48
C CYS B 170 -3.38 -26.74 1.52
N ALA B 171 -4.38 -26.93 2.37
CA ALA B 171 -4.28 -27.83 3.50
C ALA B 171 -5.61 -28.53 3.74
N TRP B 172 -5.51 -29.70 4.38
CA TRP B 172 -6.66 -30.53 4.72
C TRP B 172 -6.18 -31.62 5.68
N MET B 173 -7.06 -32.57 5.98
CA MET B 173 -6.70 -33.78 6.69
C MET B 173 -7.01 -34.99 5.82
N ASN B 174 -6.14 -35.99 5.86
CA ASN B 174 -6.44 -37.21 5.15
C ASN B 174 -7.39 -38.07 5.98
N SER B 175 -7.84 -39.18 5.37
CA SER B 175 -8.93 -39.94 5.95
C SER B 175 -8.64 -40.39 7.37
N THR B 176 -7.40 -40.78 7.64
CA THR B 176 -7.01 -41.18 8.98
C THR B 176 -6.79 -39.99 9.91
N GLY B 177 -7.12 -38.78 9.47
CA GLY B 177 -7.08 -37.62 10.33
C GLY B 177 -5.73 -36.94 10.46
N PHE B 178 -4.73 -37.35 9.68
CA PHE B 178 -3.44 -36.70 9.71
C PHE B 178 -3.43 -35.48 8.82
N LEU B 179 -2.79 -34.41 9.30
CA LEU B 179 -2.66 -33.20 8.51
C LEU B 179 -1.93 -33.49 7.21
N LYS B 180 -2.42 -32.93 6.11
CA LYS B 180 -1.76 -33.02 4.81
C LYS B 180 -1.89 -31.70 4.10
N THR B 181 -0.77 -31.15 3.64
CA THR B 181 -0.77 -29.86 2.96
C THR B 181 0.21 -29.91 1.80
N CYS B 182 -0.02 -29.00 0.86
CA CYS B 182 0.87 -28.80 -0.27
C CYS B 182 0.95 -27.31 -0.54
N GLY B 183 1.84 -26.91 -1.44
CA GLY B 183 1.95 -25.51 -1.77
C GLY B 183 3.01 -25.27 -2.82
N ALA B 184 3.21 -24.00 -3.13
CA ALA B 184 4.22 -23.59 -4.08
C ALA B 184 5.61 -23.90 -3.53
N PRO B 185 6.59 -24.07 -4.40
CA PRO B 185 7.95 -24.33 -3.94
C PRO B 185 8.47 -23.18 -3.08
N PRO B 186 9.18 -23.49 -2.01
CA PRO B 186 9.72 -22.43 -1.15
C PRO B 186 11.08 -21.95 -1.61
N CYS B 187 11.70 -21.06 -0.85
CA CYS B 187 12.95 -20.43 -1.22
C CYS B 187 14.13 -21.16 -0.58
N ASN B 188 15.07 -21.58 -1.40
CA ASN B 188 16.40 -21.96 -0.93
C ASN B 188 17.26 -20.71 -0.87
N ILE B 189 17.97 -20.55 0.24
CA ILE B 189 18.69 -19.32 0.55
C ILE B 189 20.16 -19.59 0.78
N TYR B 190 20.63 -20.76 0.36
CA TYR B 190 22.05 -21.08 0.51
C TYR B 190 22.67 -21.46 -0.82
N GLY B 191 21.85 -21.93 -1.76
CA GLY B 191 22.37 -22.32 -3.06
C GLY B 191 23.04 -21.17 -3.79
N GLY B 192 22.46 -19.97 -3.69
CA GLY B 192 23.04 -18.80 -4.30
C GLY B 192 23.23 -17.66 -3.32
N ASN B 198 24.84 -28.99 14.33
CA ASN B 198 23.70 -29.16 15.22
C ASN B 198 22.45 -28.50 14.64
N GLU B 199 22.63 -27.34 14.03
CA GLU B 199 21.52 -26.62 13.43
C GLU B 199 21.05 -27.31 12.16
N THR B 200 20.05 -26.70 11.51
CA THR B 200 19.47 -27.23 10.29
C THR B 200 19.27 -26.11 9.29
N ASP B 201 19.17 -26.49 8.02
CA ASP B 201 19.02 -25.54 6.93
C ASP B 201 17.53 -25.27 6.72
N LEU B 202 17.10 -24.06 7.07
CA LEU B 202 15.71 -23.69 6.87
C LEU B 202 15.41 -23.54 5.39
N PHE B 203 14.31 -24.14 4.95
CA PHE B 203 13.89 -24.02 3.56
C PHE B 203 12.90 -22.89 3.34
N CYS B 204 12.58 -22.13 4.39
CA CYS B 204 11.86 -20.88 4.31
C CYS B 204 10.54 -20.97 3.56
N PRO B 205 9.52 -21.61 4.13
CA PRO B 205 8.20 -21.62 3.50
C PRO B 205 7.38 -20.37 3.76
N THR B 206 7.95 -19.37 4.40
CA THR B 206 7.21 -18.16 4.75
C THR B 206 8.18 -16.99 4.79
N ASP B 207 7.75 -15.89 5.41
CA ASP B 207 8.54 -14.66 5.46
C ASP B 207 9.64 -14.80 6.50
N CYS B 208 10.73 -15.45 6.10
CA CYS B 208 11.86 -15.66 7.00
C CYS B 208 12.79 -14.45 6.98
N PHE B 209 12.24 -13.31 7.39
CA PHE B 209 12.96 -12.05 7.26
C PHE B 209 14.25 -12.06 8.07
N ARG B 210 14.18 -12.50 9.33
CA ARG B 210 15.34 -12.40 10.19
C ARG B 210 16.47 -13.32 9.74
N LYS B 211 16.13 -14.42 9.07
CA LYS B 211 17.16 -15.33 8.59
C LYS B 211 17.56 -15.06 7.14
N HIS B 212 16.75 -14.29 6.41
CA HIS B 212 17.11 -13.88 5.06
C HIS B 212 16.41 -12.57 4.75
N PRO B 213 17.12 -11.57 4.24
CA PRO B 213 16.60 -10.21 4.27
C PRO B 213 15.40 -9.99 3.37
N GLU B 214 15.49 -10.38 2.10
CA GLU B 214 14.46 -10.09 1.13
C GLU B 214 13.52 -11.26 0.88
N ALA B 215 13.62 -12.31 1.69
CA ALA B 215 12.71 -13.44 1.54
C ALA B 215 11.31 -13.07 2.02
N THR B 216 10.66 -12.17 1.31
CA THR B 216 9.34 -11.73 1.71
C THR B 216 8.32 -12.82 1.47
N TYR B 217 7.11 -12.62 2.01
CA TYR B 217 6.05 -13.59 1.81
C TYR B 217 5.67 -13.73 0.35
N SER B 218 5.61 -12.61 -0.37
CA SER B 218 5.19 -12.65 -1.76
C SER B 218 6.09 -13.54 -2.59
N ARG B 219 7.41 -13.44 -2.37
CA ARG B 219 8.33 -14.26 -3.14
C ARG B 219 8.39 -15.68 -2.60
N CYS B 220 8.51 -15.84 -1.29
CA CYS B 220 8.88 -17.12 -0.70
C CYS B 220 7.71 -17.87 -0.11
N GLY B 221 6.87 -17.21 0.67
CA GLY B 221 5.82 -17.87 1.41
C GLY B 221 4.92 -18.73 0.55
N ALA B 222 4.64 -19.94 1.03
CA ALA B 222 3.73 -20.84 0.33
C ALA B 222 3.04 -21.69 1.39
N GLY B 223 1.89 -21.24 1.86
CA GLY B 223 1.18 -21.92 2.91
C GLY B 223 0.52 -20.96 3.87
N PRO B 224 -0.05 -21.51 4.95
CA PRO B 224 -0.83 -20.68 5.88
C PRO B 224 -0.01 -19.73 6.72
N TRP B 225 1.31 -19.89 6.75
CA TRP B 225 2.13 -19.16 7.71
C TRP B 225 2.68 -17.89 7.07
N LEU B 226 2.45 -16.76 7.73
CA LEU B 226 3.03 -15.50 7.28
C LEU B 226 4.34 -15.24 8.00
N THR B 227 4.32 -15.24 9.32
CA THR B 227 5.51 -15.14 10.15
C THR B 227 5.68 -16.43 10.93
N PRO B 228 6.90 -16.74 11.38
CA PRO B 228 7.06 -17.88 12.29
C PRO B 228 6.26 -17.74 13.57
N ARG B 229 5.68 -16.57 13.81
CA ARG B 229 4.85 -16.32 14.98
C ARG B 229 3.37 -16.25 14.66
N CYS B 230 2.98 -15.78 13.49
CA CYS B 230 1.58 -15.54 13.18
C CYS B 230 1.15 -16.30 11.94
N MET B 231 -0.15 -16.49 11.83
CA MET B 231 -0.75 -17.26 10.75
C MET B 231 -2.11 -16.67 10.40
N VAL B 232 -2.58 -17.00 9.20
CA VAL B 232 -3.88 -16.50 8.73
C VAL B 232 -4.98 -17.41 9.26
N ASP B 233 -6.00 -16.83 9.87
CA ASP B 233 -7.09 -17.58 10.44
C ASP B 233 -8.12 -17.96 9.37
N TYR B 234 -8.92 -18.96 9.71
CA TYR B 234 -10.01 -19.43 8.85
C TYR B 234 -10.86 -20.39 9.67
N PRO B 235 -12.10 -20.65 9.25
CA PRO B 235 -13.04 -21.37 10.13
C PRO B 235 -12.53 -22.71 10.63
N TYR B 236 -11.81 -23.47 9.81
CA TYR B 236 -11.32 -24.77 10.21
C TYR B 236 -9.86 -24.71 10.68
N ARG B 237 -9.42 -23.55 11.16
CA ARG B 237 -8.07 -23.44 11.68
C ARG B 237 -7.88 -24.33 12.90
N LEU B 238 -8.81 -24.26 13.84
CA LEU B 238 -8.75 -25.14 15.00
C LEU B 238 -8.86 -26.60 14.57
N TRP B 239 -9.64 -26.85 13.52
CA TRP B 239 -9.72 -28.20 12.98
C TRP B 239 -8.33 -28.69 12.59
N HIS B 240 -7.73 -28.05 11.60
CA HIS B 240 -6.48 -28.56 11.04
C HIS B 240 -5.34 -28.50 12.06
N TYR B 241 -5.14 -27.34 12.66
CA TYR B 241 -4.03 -27.18 13.60
C TYR B 241 -4.58 -27.15 15.01
N PRO B 242 -4.41 -28.20 15.78
CA PRO B 242 -4.97 -28.21 17.15
C PRO B 242 -4.29 -27.25 18.09
N CYS B 243 -2.95 -27.33 18.18
CA CYS B 243 -2.22 -26.69 19.26
C CYS B 243 -2.30 -25.18 19.23
N THR B 244 -2.78 -24.59 18.14
CA THR B 244 -2.81 -23.14 18.01
C THR B 244 -4.10 -22.56 18.56
N VAL B 245 -4.74 -23.26 19.49
CA VAL B 245 -5.99 -22.79 20.06
C VAL B 245 -5.78 -21.49 20.83
N ASN B 246 -4.61 -21.33 21.45
CA ASN B 246 -4.40 -20.33 22.48
C ASN B 246 -4.25 -18.94 21.87
N PHE B 247 -4.28 -18.87 20.54
CA PHE B 247 -3.82 -17.72 19.79
C PHE B 247 -4.83 -16.57 19.87
N THR B 248 -4.34 -15.37 19.57
CA THR B 248 -5.14 -14.15 19.56
C THR B 248 -5.20 -13.57 18.16
N LEU B 249 -6.37 -13.04 17.79
CA LEU B 249 -6.65 -12.61 16.44
C LEU B 249 -6.25 -11.17 16.21
N PHE B 250 -5.98 -10.83 14.95
CA PHE B 250 -5.66 -9.46 14.55
C PHE B 250 -6.22 -9.21 13.15
N LYS B 251 -6.35 -7.92 12.82
CA LYS B 251 -6.80 -7.50 11.50
C LYS B 251 -5.60 -7.32 10.59
N VAL B 252 -5.73 -7.79 9.35
CA VAL B 252 -4.61 -7.78 8.41
C VAL B 252 -5.10 -7.33 7.04
N ARG B 253 -4.31 -6.47 6.39
CA ARG B 253 -4.56 -6.03 5.02
C ARG B 253 -3.27 -6.26 4.22
N MET B 254 -3.35 -7.15 3.24
CA MET B 254 -2.16 -7.66 2.56
C MET B 254 -1.80 -6.88 1.29
N PHE B 255 -2.74 -6.72 0.37
CA PHE B 255 -2.48 -6.08 -0.93
C PHE B 255 -1.42 -6.87 -1.71
N VAL B 256 -1.79 -8.09 -2.07
CA VAL B 256 -0.92 -8.99 -2.83
C VAL B 256 -1.33 -8.95 -4.30
N GLY B 257 -0.33 -8.93 -5.18
CA GLY B 257 -0.59 -9.00 -6.61
C GLY B 257 -1.47 -7.89 -7.14
N GLY B 258 -1.31 -6.68 -6.61
CA GLY B 258 -2.13 -5.57 -7.04
C GLY B 258 -3.48 -5.52 -6.35
N PHE B 259 -4.13 -6.67 -6.23
CA PHE B 259 -5.45 -6.70 -5.61
C PHE B 259 -5.35 -6.47 -4.11
N GLU B 260 -6.51 -6.31 -3.49
CA GLU B 260 -6.61 -6.05 -2.07
C GLU B 260 -7.04 -7.32 -1.33
N HIS B 261 -6.39 -7.59 -0.21
CA HIS B 261 -6.70 -8.76 0.60
C HIS B 261 -6.84 -8.34 2.06
N ARG B 262 -7.95 -8.74 2.68
CA ARG B 262 -8.19 -8.47 4.09
C ARG B 262 -8.67 -9.75 4.75
N PHE B 263 -8.16 -10.01 5.95
CA PHE B 263 -8.50 -11.23 6.69
C PHE B 263 -7.99 -11.07 8.11
N THR B 264 -8.14 -12.12 8.91
CA THR B 264 -7.73 -12.13 10.30
C THR B 264 -6.50 -13.01 10.48
N ALA B 265 -5.72 -12.71 11.51
CA ALA B 265 -4.50 -13.45 11.78
C ALA B 265 -4.39 -13.76 13.26
N ALA B 266 -4.01 -15.00 13.56
CA ALA B 266 -3.72 -15.45 14.92
C ALA B 266 -2.21 -15.50 15.15
N CYS B 267 -1.82 -15.53 16.42
CA CYS B 267 -0.40 -15.43 16.73
C CYS B 267 -0.06 -16.20 18.00
N ASN B 268 1.15 -16.74 18.01
CA ASN B 268 1.84 -17.18 19.23
C ASN B 268 2.24 -15.94 20.02
N TRP B 269 1.26 -15.41 20.76
CA TRP B 269 1.51 -14.24 21.59
C TRP B 269 0.98 -14.47 22.99
N THR B 270 1.82 -14.21 23.99
CA THR B 270 1.43 -14.14 25.37
C THR B 270 2.03 -12.88 25.97
N ARG B 271 1.37 -12.36 27.00
CA ARG B 271 1.86 -11.15 27.65
C ARG B 271 3.17 -11.44 28.37
N GLY B 272 4.15 -10.57 28.19
CA GLY B 272 5.42 -10.70 28.86
C GLY B 272 6.54 -11.31 28.06
N GLU B 273 6.35 -11.56 26.77
CA GLU B 273 7.39 -12.14 25.94
C GLU B 273 8.45 -11.08 25.63
N ARG B 274 9.72 -11.45 25.82
CA ARG B 274 10.81 -10.54 25.49
C ARG B 274 10.81 -10.25 23.99
N CYS B 275 10.65 -8.99 23.64
CA CYS B 275 10.51 -8.57 22.25
C CYS B 275 11.30 -7.30 21.99
N ASN B 276 12.54 -7.24 22.47
CA ASN B 276 13.24 -5.97 22.50
C ASN B 276 13.45 -5.36 21.12
N ILE B 277 14.36 -5.90 20.31
CA ILE B 277 14.43 -5.45 18.92
C ILE B 277 14.63 -6.63 17.97
N GLU B 278 15.25 -7.70 18.45
CA GLU B 278 15.62 -8.79 17.56
C GLU B 278 14.43 -9.67 17.21
N ASP B 279 13.40 -9.67 18.05
CA ASP B 279 12.23 -10.49 17.80
C ASP B 279 11.15 -9.73 17.05
N ARG B 280 11.55 -9.13 15.93
CA ARG B 280 10.64 -8.44 15.04
C ARG B 280 10.75 -9.07 13.66
N ASP B 281 9.61 -9.32 13.03
CA ASP B 281 9.58 -10.01 11.74
C ASP B 281 8.86 -9.13 10.71
N ARG B 282 9.42 -9.08 9.51
CA ARG B 282 8.83 -8.28 8.45
C ARG B 282 7.53 -8.91 7.97
N SER B 283 6.55 -8.05 7.68
CA SER B 283 5.28 -8.50 7.14
C SER B 283 4.62 -7.30 6.46
N GLU B 284 4.32 -7.43 5.18
CA GLU B 284 3.76 -6.32 4.42
C GLU B 284 2.31 -6.10 4.81
N GLN B 285 2.07 -5.12 5.68
CA GLN B 285 0.74 -4.70 6.06
C GLN B 285 0.34 -3.45 5.28
N HIS B 286 -0.94 -3.13 5.36
CA HIS B 286 -1.48 -1.92 4.80
C HIS B 286 -2.46 -1.32 5.79
N PRO B 287 -2.59 0.00 5.82
CA PRO B 287 -3.49 0.63 6.79
C PRO B 287 -4.94 0.19 6.58
N LEU B 288 -5.62 -0.08 7.70
CA LEU B 288 -7.04 -0.41 7.64
C LEU B 288 -7.88 0.86 7.59
N LEU B 289 -7.80 1.68 8.63
CA LEU B 289 -8.53 2.94 8.66
C LEU B 289 -7.80 4.05 7.91
N HIS B 290 -6.51 3.87 7.63
CA HIS B 290 -5.73 4.82 6.84
C HIS B 290 -5.75 6.21 7.46
N SER B 291 -5.70 6.27 8.78
CA SER B 291 -5.72 7.54 9.51
C SER B 291 -5.24 7.29 10.94
N THR B 292 -5.28 8.34 11.75
CA THR B 292 -4.95 8.30 13.17
C THR B 292 -3.51 7.90 13.44
N THR B 293 -2.72 7.71 12.38
CA THR B 293 -1.28 7.46 12.44
C THR B 293 -0.92 6.20 13.24
N GLU B 294 -1.90 5.40 13.63
CA GLU B 294 -1.68 4.17 14.37
C GLU B 294 -2.05 3.00 13.49
N LEU B 295 -1.14 2.03 13.37
CA LEU B 295 -1.38 0.86 12.55
C LEU B 295 -1.39 -0.39 13.43
N ALA B 296 -2.45 -1.18 13.31
CA ALA B 296 -2.56 -2.45 14.02
C ALA B 296 -1.77 -3.49 13.25
N ILE B 297 -0.60 -3.84 13.77
CA ILE B 297 0.31 -4.75 13.09
C ILE B 297 0.46 -6.01 13.93
N LEU B 298 0.91 -7.08 13.30
CA LEU B 298 1.13 -8.33 13.99
C LEU B 298 2.12 -8.11 15.14
N PRO B 299 1.89 -8.73 16.29
CA PRO B 299 2.83 -8.55 17.40
C PRO B 299 4.21 -9.05 17.04
N CYS B 300 5.22 -8.40 17.61
CA CYS B 300 6.61 -8.75 17.37
C CYS B 300 6.94 -8.68 15.88
N SER B 301 6.44 -7.65 15.21
CA SER B 301 6.59 -7.54 13.77
C SER B 301 6.71 -6.07 13.39
N PHE B 302 6.69 -5.82 12.08
CA PHE B 302 6.73 -4.47 11.52
C PHE B 302 6.32 -4.57 10.06
N THR B 303 6.20 -3.40 9.43
CA THR B 303 5.87 -3.35 8.01
C THR B 303 6.82 -2.40 7.31
N PRO B 304 7.09 -2.64 6.03
CA PRO B 304 7.99 -1.75 5.28
C PRO B 304 7.27 -0.57 4.63
N MET B 305 6.50 0.15 5.45
CA MET B 305 5.92 1.43 5.04
C MET B 305 6.49 2.52 5.95
N PRO B 306 7.39 3.35 5.43
CA PRO B 306 7.93 4.46 6.24
C PRO B 306 6.83 5.44 6.63
N ALA B 307 7.12 6.21 7.68
CA ALA B 307 6.13 7.11 8.26
C ALA B 307 5.78 8.23 7.27
N LEU B 308 4.81 9.05 7.65
CA LEU B 308 4.31 10.12 6.80
C LEU B 308 5.40 11.14 6.50
N SER B 309 5.83 11.86 7.54
CA SER B 309 6.82 12.91 7.32
C SER B 309 8.18 12.33 6.98
N THR B 310 8.64 11.37 7.76
CA THR B 310 9.97 10.81 7.57
C THR B 310 9.91 9.30 7.48
N LEU B 311 11.08 8.67 7.51
CA LEU B 311 11.27 7.24 7.46
C LEU B 311 11.95 6.77 8.73
N GLY B 312 12.08 5.46 8.87
CA GLY B 312 12.59 4.89 10.10
C GLY B 312 11.42 4.41 10.94
N ILE B 313 11.27 3.10 11.05
CA ILE B 313 10.08 2.53 11.68
C ILE B 313 10.08 2.90 13.15
N HIS B 314 9.01 3.56 13.58
CA HIS B 314 8.84 3.96 14.98
C HIS B 314 7.93 2.95 15.66
N LEU B 315 8.47 2.26 16.66
CA LEU B 315 7.72 1.24 17.37
C LEU B 315 7.84 1.46 18.88
N HIS B 316 6.76 1.13 19.57
CA HIS B 316 6.67 1.33 21.01
C HIS B 316 7.33 0.17 21.75
N GLN B 317 7.98 0.50 22.85
CA GLN B 317 8.76 -0.50 23.58
C GLN B 317 7.86 -1.56 24.22
N ASN B 318 6.75 -1.14 24.81
CA ASN B 318 5.93 -2.04 25.60
C ASN B 318 4.73 -2.62 24.86
N ILE B 319 4.27 -1.96 23.80
CA ILE B 319 3.22 -2.50 22.95
C ILE B 319 3.79 -2.68 21.55
N VAL B 320 3.65 -3.90 21.02
CA VAL B 320 4.32 -4.26 19.77
C VAL B 320 3.35 -4.16 18.60
N ASP B 321 2.06 -4.33 18.86
CA ASP B 321 1.08 -4.33 17.79
C ASP B 321 0.94 -2.97 17.12
N VAL B 322 1.46 -1.91 17.72
CA VAL B 322 1.26 -0.56 17.23
C VAL B 322 2.41 -0.17 16.32
N GLN B 323 2.07 0.35 15.15
CA GLN B 323 3.03 0.97 14.25
C GLN B 323 2.75 2.46 14.21
N TYR B 324 3.79 3.25 14.46
CA TYR B 324 3.67 4.69 14.60
C TYR B 324 3.90 5.39 13.27
N LEU B 325 3.09 6.40 13.00
CA LEU B 325 3.37 7.43 12.02
C LEU B 325 3.66 8.73 12.77
N TYR B 326 3.73 9.84 12.03
CA TYR B 326 3.94 11.17 12.61
C TYR B 326 5.14 11.18 13.56
N GLY B 327 6.29 10.90 12.95
CA GLY B 327 7.55 10.89 13.68
C GLY B 327 8.01 12.27 14.09
N ALA B 336 11.08 22.67 3.50
CA ALA B 336 12.00 22.01 4.42
C ALA B 336 13.46 22.28 4.02
N LEU B 337 13.67 22.64 2.76
CA LEU B 337 15.01 22.91 2.24
C LEU B 337 15.47 24.30 2.65
N LYS B 338 15.74 24.46 3.94
CA LYS B 338 16.18 25.74 4.47
C LYS B 338 17.51 26.16 3.87
N TRP B 339 18.43 25.21 3.68
CA TRP B 339 19.73 25.54 3.10
C TRP B 339 19.58 26.07 1.68
N GLU B 340 18.83 25.35 0.85
CA GLU B 340 18.63 25.78 -0.53
C GLU B 340 17.89 27.11 -0.59
N TYR B 341 16.87 27.28 0.26
CA TYR B 341 16.15 28.54 0.27
C TYR B 341 17.05 29.69 0.68
N VAL B 342 17.91 29.48 1.67
CA VAL B 342 18.84 30.53 2.08
C VAL B 342 19.81 30.86 0.97
N VAL B 343 20.32 29.84 0.27
CA VAL B 343 21.21 30.09 -0.85
C VAL B 343 20.53 30.90 -1.93
N LEU B 344 19.29 30.52 -2.27
CA LEU B 344 18.56 31.24 -3.31
C LEU B 344 18.28 32.67 -2.89
N LEU B 345 17.92 32.89 -1.62
CA LEU B 345 17.66 34.24 -1.15
C LEU B 345 18.93 35.08 -1.15
N PHE B 346 20.05 34.50 -0.77
CA PHE B 346 21.31 35.22 -0.84
C PHE B 346 21.64 35.58 -2.28
N LEU B 347 21.40 34.66 -3.21
CA LEU B 347 21.62 34.96 -4.61
C LEU B 347 20.72 36.09 -5.08
N LEU B 348 19.46 36.08 -4.65
CA LEU B 348 18.54 37.15 -5.00
C LEU B 348 19.02 38.48 -4.47
N LEU B 349 19.50 38.51 -3.23
CA LEU B 349 20.08 39.72 -2.68
C LEU B 349 21.27 40.18 -3.50
N ALA B 350 22.09 39.22 -3.96
CA ALA B 350 23.19 39.55 -4.83
C ALA B 350 22.73 40.01 -6.21
N ASP B 351 21.48 39.75 -6.56
CA ASP B 351 20.88 40.13 -7.84
C ASP B 351 21.54 39.44 -9.02
N ALA B 352 22.10 38.25 -8.82
CA ALA B 352 22.66 37.46 -9.92
C ALA B 352 21.53 36.65 -10.54
N ARG B 353 20.79 37.31 -11.44
CA ARG B 353 19.60 36.70 -12.02
C ARG B 353 19.94 35.42 -12.78
N VAL B 354 21.04 35.44 -13.54
CA VAL B 354 21.46 34.23 -14.24
C VAL B 354 21.76 33.12 -13.24
N CYS B 355 22.50 33.44 -12.18
CA CYS B 355 22.69 32.47 -11.11
C CYS B 355 21.36 32.13 -10.44
N SER B 356 20.49 33.14 -10.27
CA SER B 356 19.18 32.88 -9.70
C SER B 356 18.35 31.96 -10.58
N CYS B 357 18.39 32.18 -11.89
CA CYS B 357 17.65 31.31 -12.80
C CYS B 357 18.22 29.90 -12.78
N LEU B 358 19.54 29.76 -12.75
CA LEU B 358 20.14 28.44 -12.66
C LEU B 358 19.75 27.74 -11.38
N TRP B 359 19.74 28.46 -10.26
CA TRP B 359 19.33 27.88 -8.99
C TRP B 359 17.88 27.46 -9.02
N MET B 360 17.02 28.28 -9.62
CA MET B 360 15.60 27.92 -9.71
C MET B 360 15.42 26.66 -10.56
N MET B 361 16.14 26.56 -11.68
CA MET B 361 16.07 25.36 -12.50
C MET B 361 16.58 24.14 -11.74
N LEU B 362 17.68 24.30 -11.00
CA LEU B 362 18.21 23.19 -10.23
C LEU B 362 17.23 22.75 -9.15
N LEU B 363 16.57 23.70 -8.49
CA LEU B 363 15.57 23.35 -7.48
C LEU B 363 14.39 22.64 -8.12
N ILE B 364 13.95 23.11 -9.29
CA ILE B 364 12.85 22.45 -9.98
C ILE B 364 13.22 21.03 -10.35
N SER B 365 14.45 20.82 -10.81
CA SER B 365 14.88 19.48 -11.21
C SER B 365 15.03 18.55 -10.00
N GLN B 366 15.55 19.08 -8.89
CA GLN B 366 15.87 18.25 -7.74
C GLN B 366 15.01 18.58 -6.52
N ALA B 367 15.01 19.83 -6.07
CA ALA B 367 14.29 20.18 -4.85
C ALA B 367 12.78 20.09 -5.06
N GLU B 368 12.28 20.70 -6.14
CA GLU B 368 10.85 20.64 -6.42
C GLU B 368 10.42 19.29 -6.96
N ALA B 369 11.35 18.49 -7.48
CA ALA B 369 11.03 17.17 -7.99
C ALA B 369 11.67 16.09 -7.12
N GLU C 1 -17.36 -3.79 -9.23
CA GLU C 1 -16.34 -2.77 -9.36
C GLU C 1 -16.23 -2.29 -10.81
N TRP C 2 -16.67 -3.12 -11.73
CA TRP C 2 -16.59 -2.79 -13.15
C TRP C 2 -17.82 -3.32 -13.85
N ARG C 3 -18.02 -2.89 -15.10
CA ARG C 3 -19.18 -3.31 -15.86
C ARG C 3 -18.84 -3.39 -17.33
N ASN C 4 -19.62 -4.20 -18.03
CA ASN C 4 -19.53 -4.32 -19.49
C ASN C 4 -20.27 -3.17 -20.16
N THR C 5 -19.67 -2.64 -21.22
CA THR C 5 -20.31 -1.59 -22.00
C THR C 5 -19.64 -1.53 -23.36
N SER C 6 -20.40 -1.85 -24.41
CA SER C 6 -19.94 -1.72 -25.79
C SER C 6 -18.59 -2.40 -25.99
N GLY C 7 -18.45 -3.59 -25.41
CA GLY C 7 -17.19 -4.32 -25.52
C GLY C 7 -16.04 -3.60 -24.85
N LEU C 8 -16.27 -3.11 -23.62
CA LEU C 8 -15.22 -2.38 -22.92
C LEU C 8 -15.52 -2.42 -21.43
N TYR C 9 -14.67 -3.11 -20.67
CA TYR C 9 -14.76 -3.04 -19.21
C TYR C 9 -14.56 -1.60 -18.76
N VAL C 10 -15.44 -1.12 -17.90
CA VAL C 10 -15.35 0.25 -17.41
C VAL C 10 -15.60 0.27 -15.91
N LEU C 11 -14.79 1.04 -15.19
CA LEU C 11 -14.92 1.14 -13.74
C LEU C 11 -16.27 1.72 -13.37
N THR C 12 -16.78 1.28 -12.22
CA THR C 12 -18.03 1.81 -11.68
C THR C 12 -18.11 1.42 -10.21
N ASN C 13 -18.99 2.11 -9.49
CA ASN C 13 -19.28 1.78 -8.11
C ASN C 13 -20.56 0.98 -7.96
N ASP C 14 -21.17 0.57 -9.06
CA ASP C 14 -22.40 -0.19 -9.01
C ASP C 14 -22.11 -1.64 -8.66
N CYS C 15 -22.90 -2.21 -7.75
CA CYS C 15 -22.71 -3.59 -7.35
C CYS C 15 -23.12 -4.54 -8.47
N SER C 16 -22.38 -5.64 -8.58
CA SER C 16 -22.74 -6.70 -9.51
C SER C 16 -23.85 -7.55 -8.93
N ASN C 17 -24.35 -8.48 -9.75
CA ASN C 17 -25.30 -9.46 -9.25
C ASN C 17 -24.69 -10.31 -8.14
N SER C 18 -23.38 -10.55 -8.20
CA SER C 18 -22.69 -11.39 -7.25
C SER C 18 -22.17 -10.62 -6.04
N SER C 19 -22.20 -9.30 -6.06
CA SER C 19 -21.64 -8.51 -4.98
C SER C 19 -22.65 -8.18 -3.89
N ILE C 20 -23.91 -8.56 -4.07
CA ILE C 20 -24.95 -8.30 -3.08
C ILE C 20 -25.21 -9.56 -2.28
N VAL C 21 -25.15 -9.44 -0.96
CA VAL C 21 -25.33 -10.60 -0.09
C VAL C 21 -26.81 -10.83 0.13
N TYR C 22 -27.50 -9.85 0.69
CA TYR C 22 -28.92 -9.94 0.99
C TYR C 22 -29.59 -8.65 0.58
N GLU C 23 -30.87 -8.73 0.23
CA GLU C 23 -31.63 -7.55 -0.12
C GLU C 23 -33.03 -7.66 0.45
N ALA C 24 -33.52 -6.56 1.00
CA ALA C 24 -34.88 -6.45 1.50
C ALA C 24 -35.60 -5.37 0.73
N ASP C 25 -36.82 -5.04 1.16
CA ASP C 25 -37.58 -4.00 0.49
C ASP C 25 -36.93 -2.63 0.61
N ASP C 26 -36.08 -2.41 1.62
CA ASP C 26 -35.54 -1.08 1.83
C ASP C 26 -34.07 -1.06 2.25
N VAL C 27 -33.35 -2.17 2.15
CA VAL C 27 -31.97 -2.20 2.63
C VAL C 27 -31.18 -3.33 1.96
N ILE C 28 -29.93 -3.05 1.57
CA ILE C 28 -29.10 -4.01 0.88
C ILE C 28 -27.84 -4.27 1.70
N LEU C 29 -27.61 -5.54 2.02
CA LEU C 29 -26.34 -6.02 2.52
C LEU C 29 -25.52 -6.58 1.38
N HIS C 30 -24.26 -6.18 1.31
CA HIS C 30 -23.41 -6.50 0.17
C HIS C 30 -21.97 -6.55 0.64
N THR C 31 -21.13 -7.23 -0.14
CA THR C 31 -19.71 -7.21 0.14
C THR C 31 -19.17 -5.80 -0.09
N PRO C 32 -18.23 -5.35 0.74
CA PRO C 32 -17.61 -4.05 0.48
C PRO C 32 -16.86 -4.06 -0.84
N GLY C 33 -16.97 -2.95 -1.57
CA GLY C 33 -16.32 -2.84 -2.86
C GLY C 33 -17.22 -2.32 -3.94
N CYS C 34 -18.46 -1.97 -3.59
CA CYS C 34 -19.41 -1.42 -4.55
C CYS C 34 -20.48 -0.67 -3.78
N VAL C 35 -21.46 -0.13 -4.52
CA VAL C 35 -22.58 0.59 -3.93
C VAL C 35 -23.84 0.24 -4.71
N PRO C 36 -24.95 -0.05 -4.04
CA PRO C 36 -26.16 -0.48 -4.76
C PRO C 36 -26.83 0.66 -5.49
N CYS C 37 -27.24 0.37 -6.73
CA CYS C 37 -28.08 1.25 -7.51
C CYS C 37 -29.19 0.43 -8.14
N VAL C 38 -30.36 1.04 -8.30
CA VAL C 38 -31.54 0.30 -8.75
C VAL C 38 -32.39 1.21 -9.62
N GLN C 39 -32.91 0.63 -10.70
CA GLN C 39 -33.94 1.24 -11.53
C GLN C 39 -35.23 0.45 -11.33
N ASP C 40 -36.33 1.17 -11.11
CA ASP C 40 -37.61 0.51 -10.81
C ASP C 40 -38.61 0.65 -11.95
N ASP C 41 -38.92 1.87 -12.36
CA ASP C 41 -39.81 2.09 -13.51
C ASP C 41 -39.41 3.41 -14.13
N ASN C 42 -38.61 3.33 -15.19
CA ASN C 42 -38.02 4.49 -15.87
C ASN C 42 -37.40 5.49 -14.90
N THR C 43 -37.04 5.02 -13.71
CA THR C 43 -36.37 5.85 -12.69
C THR C 43 -35.28 5.02 -12.04
N SER C 44 -34.05 5.49 -12.16
CA SER C 44 -32.88 4.80 -11.61
C SER C 44 -32.15 5.71 -10.66
N THR C 45 -31.81 5.20 -9.48
CA THR C 45 -31.03 5.95 -8.51
C THR C 45 -30.29 4.99 -7.60
N CYS C 46 -29.22 5.48 -6.98
CA CYS C 46 -28.43 4.66 -6.07
C CYS C 46 -28.84 4.93 -4.63
N TRP C 47 -28.46 4.01 -3.76
CA TRP C 47 -28.89 4.06 -2.37
C TRP C 47 -27.80 4.67 -1.49
N THR C 48 -28.22 5.14 -0.33
CA THR C 48 -27.33 5.84 0.58
C THR C 48 -26.40 4.84 1.27
N PRO C 49 -25.09 5.01 1.20
CA PRO C 49 -24.19 4.08 1.89
C PRO C 49 -23.99 4.48 3.34
N VAL C 50 -23.91 3.48 4.20
CA VAL C 50 -23.57 3.67 5.60
C VAL C 50 -23.03 2.34 6.12
N THR C 51 -21.88 2.37 6.80
CA THR C 51 -21.20 1.13 7.20
C THR C 51 -21.04 0.26 5.97
N PRO C 52 -20.05 0.54 5.11
CA PRO C 52 -20.09 0.16 3.69
C PRO C 52 -20.77 -1.17 3.36
N THR C 53 -20.63 -2.15 4.25
CA THR C 53 -21.28 -3.44 4.04
C THR C 53 -22.77 -3.28 3.73
N VAL C 54 -23.46 -2.40 4.46
CA VAL C 54 -24.89 -2.20 4.26
C VAL C 54 -25.12 -0.86 3.57
N ALA C 55 -26.30 -0.73 2.97
CA ALA C 55 -26.72 0.50 2.33
C ALA C 55 -28.24 0.54 2.34
N VAL C 56 -28.79 1.74 2.17
CA VAL C 56 -30.21 1.98 2.35
C VAL C 56 -30.67 3.03 1.35
N ARG C 57 -31.94 2.93 0.95
CA ARG C 57 -32.51 3.83 -0.04
C ARG C 57 -32.45 5.28 0.45
N TYR C 58 -33.15 5.56 1.54
CA TYR C 58 -33.11 6.87 2.18
C TYR C 58 -32.61 6.70 3.60
N VAL C 59 -32.45 7.81 4.31
CA VAL C 59 -31.90 7.76 5.67
C VAL C 59 -33.07 7.45 6.59
N GLY C 60 -33.46 6.18 6.59
CA GLY C 60 -34.50 5.67 7.46
C GLY C 60 -34.14 4.27 7.92
N ALA C 61 -32.83 4.00 8.04
CA ALA C 61 -32.30 2.64 8.10
C ALA C 61 -33.21 1.67 8.84
N THR C 62 -33.50 1.96 10.10
CA THR C 62 -34.48 1.18 10.84
C THR C 62 -35.50 2.05 11.56
N THR C 63 -35.49 3.37 11.34
CA THR C 63 -36.39 4.24 12.09
C THR C 63 -37.85 3.86 11.84
N ALA C 64 -38.16 3.35 10.65
CA ALA C 64 -39.54 3.17 10.21
C ALA C 64 -40.43 2.55 11.29
N SER C 65 -40.13 1.31 11.67
CA SER C 65 -40.95 0.64 12.66
C SER C 65 -40.90 1.36 14.00
N ILE C 66 -39.69 1.67 14.47
CA ILE C 66 -39.56 2.27 15.78
C ILE C 66 -40.14 3.67 15.80
N ARG C 67 -39.89 4.47 14.77
CA ARG C 67 -40.48 5.80 14.72
C ARG C 67 -42.00 5.70 14.69
N SER C 68 -42.54 4.77 13.92
CA SER C 68 -43.98 4.61 13.86
C SER C 68 -44.58 4.04 15.13
N HIS C 69 -43.76 3.45 16.01
CA HIS C 69 -44.29 2.76 17.18
C HIS C 69 -43.56 3.11 18.48
N VAL C 70 -42.77 4.18 18.51
CA VAL C 70 -41.86 4.40 19.64
C VAL C 70 -42.63 4.50 20.95
N ASP C 71 -43.72 5.27 20.97
CA ASP C 71 -44.45 5.49 22.21
C ASP C 71 -45.00 4.18 22.75
N LEU C 72 -45.73 3.44 21.93
CA LEU C 72 -46.25 2.16 22.37
C LEU C 72 -45.12 1.17 22.61
N LEU C 73 -44.07 1.22 21.79
CA LEU C 73 -42.95 0.30 21.99
C LEU C 73 -42.28 0.53 23.34
N VAL C 74 -41.99 1.79 23.66
CA VAL C 74 -41.34 2.05 24.94
C VAL C 74 -42.27 1.75 26.10
N GLY C 75 -43.57 2.02 25.94
CA GLY C 75 -44.51 1.67 27.00
C GLY C 75 -44.54 0.18 27.27
N ALA C 76 -44.60 -0.62 26.21
CA ALA C 76 -44.56 -2.06 26.37
C ALA C 76 -43.23 -2.50 26.97
N ALA C 77 -42.13 -1.88 26.55
CA ALA C 77 -40.82 -2.25 27.06
C ALA C 77 -40.73 -2.02 28.56
N THR C 78 -41.17 -0.85 29.04
CA THR C 78 -41.10 -0.60 30.47
C THR C 78 -42.07 -1.49 31.23
N LEU C 79 -43.25 -1.76 30.65
CA LEU C 79 -44.20 -2.63 31.31
C LEU C 79 -43.63 -4.03 31.50
N CYS C 80 -43.01 -4.59 30.45
CA CYS C 80 -42.49 -5.94 30.55
C CYS C 80 -41.21 -5.98 31.38
N SER C 81 -40.44 -4.89 31.41
CA SER C 81 -39.33 -4.82 32.35
C SER C 81 -39.84 -4.83 33.79
N ALA C 82 -40.93 -4.11 34.05
CA ALA C 82 -41.53 -4.10 35.38
C ALA C 82 -42.03 -5.47 35.77
N LEU C 83 -42.67 -6.17 34.83
CA LEU C 83 -43.19 -7.50 35.12
C LEU C 83 -42.13 -8.59 34.98
N TYR C 84 -40.91 -8.24 34.56
CA TYR C 84 -39.79 -9.18 34.48
C TYR C 84 -40.09 -10.33 33.51
N VAL C 85 -40.54 -9.99 32.31
CA VAL C 85 -40.68 -10.96 31.23
C VAL C 85 -39.82 -10.45 30.07
N GLY C 86 -38.74 -9.76 30.42
CA GLY C 86 -37.94 -9.07 29.42
C GLY C 86 -37.39 -9.96 28.34
N ASP C 87 -37.08 -11.23 28.68
CA ASP C 87 -36.56 -12.14 27.67
C ASP C 87 -37.58 -12.35 26.55
N MET C 88 -38.82 -12.71 26.91
CA MET C 88 -39.84 -12.90 25.89
C MET C 88 -40.23 -11.59 25.22
N CYS C 89 -40.19 -10.49 25.97
CA CYS C 89 -40.43 -9.18 25.38
C CYS C 89 -39.45 -8.90 24.25
N GLY C 90 -38.17 -9.06 24.53
CA GLY C 90 -37.16 -8.87 23.51
C GLY C 90 -37.26 -9.88 22.38
N ALA C 91 -37.65 -11.11 22.71
CA ALA C 91 -37.80 -12.13 21.68
C ALA C 91 -38.87 -11.73 20.67
N VAL C 92 -40.04 -11.31 21.16
CA VAL C 92 -41.10 -10.92 20.24
C VAL C 92 -40.73 -9.63 19.51
N PHE C 93 -40.04 -8.71 20.17
CA PHE C 93 -39.60 -7.51 19.48
C PHE C 93 -38.64 -7.84 18.35
N LEU C 94 -37.70 -8.75 18.59
CA LEU C 94 -36.78 -9.17 17.54
C LEU C 94 -37.51 -9.91 16.42
N VAL C 95 -38.54 -10.68 16.78
CA VAL C 95 -39.35 -11.34 15.76
C VAL C 95 -40.00 -10.31 14.85
N GLY C 96 -40.55 -9.25 15.44
CA GLY C 96 -41.11 -8.18 14.63
C GLY C 96 -40.05 -7.48 13.78
N GLN C 97 -38.87 -7.26 14.36
CA GLN C 97 -37.78 -6.64 13.63
C GLN C 97 -37.42 -7.45 12.39
N ALA C 98 -37.31 -8.77 12.55
CA ALA C 98 -37.08 -9.64 11.41
C ALA C 98 -38.24 -9.57 10.42
N PHE C 99 -39.48 -9.55 10.95
CA PHE C 99 -40.66 -9.46 10.09
C PHE C 99 -40.60 -8.23 9.21
N THR C 100 -39.98 -7.16 9.70
CA THR C 100 -39.79 -5.98 8.86
C THR C 100 -38.93 -6.29 7.64
N PHE C 101 -37.87 -7.09 7.84
CA PHE C 101 -36.89 -7.31 6.79
C PHE C 101 -37.26 -8.51 5.92
N ARG C 102 -38.43 -8.43 5.32
CA ARG C 102 -38.83 -9.43 4.34
C ARG C 102 -38.05 -9.20 3.06
N PRO C 103 -37.33 -10.20 2.54
CA PRO C 103 -36.48 -9.95 1.36
C PRO C 103 -37.29 -9.56 0.13
N ARG C 104 -36.72 -8.68 -0.68
CA ARG C 104 -37.33 -8.23 -1.92
C ARG C 104 -36.25 -8.08 -2.98
N ARG C 105 -36.54 -8.56 -4.19
CA ARG C 105 -35.55 -8.62 -5.26
C ARG C 105 -35.66 -7.35 -6.10
N HIS C 106 -34.83 -6.36 -5.78
CA HIS C 106 -34.95 -5.02 -6.36
C HIS C 106 -34.02 -4.78 -7.54
N GLN C 107 -34.05 -5.67 -8.54
CA GLN C 107 -33.70 -5.36 -9.92
C GLN C 107 -32.22 -5.08 -10.20
N THR C 108 -31.42 -4.85 -9.15
CA THR C 108 -29.95 -4.76 -9.19
C THR C 108 -29.38 -4.17 -10.48
N VAL C 109 -29.78 -2.96 -10.85
CA VAL C 109 -29.35 -2.36 -12.10
C VAL C 109 -27.99 -1.69 -11.92
N GLN C 110 -27.32 -1.40 -13.04
CA GLN C 110 -25.97 -0.83 -13.02
C GLN C 110 -25.80 0.32 -14.00
N THR C 111 -26.89 0.96 -14.44
CA THR C 111 -26.78 2.15 -15.28
C THR C 111 -26.70 3.39 -14.37
N CYS C 112 -25.64 3.42 -13.57
CA CYS C 112 -25.54 4.36 -12.47
C CYS C 112 -24.15 4.95 -12.44
N ASN C 113 -24.06 6.28 -12.43
CA ASN C 113 -22.79 6.98 -12.30
C ASN C 113 -22.50 7.32 -10.84
N CYS C 114 -23.06 6.56 -9.90
CA CYS C 114 -23.13 6.98 -8.51
C CYS C 114 -21.73 7.08 -7.92
N SER C 115 -21.47 8.20 -7.24
CA SER C 115 -20.18 8.50 -6.61
C SER C 115 -19.02 8.42 -7.60
N HIS C 124 -15.23 20.60 3.95
CA HIS C 124 -14.36 19.65 3.27
C HIS C 124 -13.09 19.41 4.08
N ARG C 125 -12.02 20.12 3.71
CA ARG C 125 -10.76 19.99 4.44
C ARG C 125 -10.91 20.49 5.87
N MET C 126 -11.65 21.58 6.07
CA MET C 126 -11.89 22.08 7.43
C MET C 126 -12.70 21.06 8.23
N ALA C 127 -13.69 20.43 7.60
CA ALA C 127 -14.47 19.40 8.28
C ALA C 127 -13.59 18.22 8.67
N TRP C 128 -12.70 17.80 7.78
CA TRP C 128 -11.79 16.70 8.09
C TRP C 128 -10.86 17.08 9.25
N ASP C 129 -10.36 18.31 9.25
CA ASP C 129 -9.50 18.76 10.34
C ASP C 129 -10.26 18.78 11.66
N MET C 130 -11.51 19.25 11.64
CA MET C 130 -12.33 19.25 12.85
C MET C 130 -12.58 17.84 13.35
N MET C 131 -12.85 16.91 12.44
CA MET C 131 -13.04 15.51 12.82
C MET C 131 -11.78 14.93 13.43
N MET C 132 -10.62 15.23 12.85
CA MET C 132 -9.36 14.77 13.41
C MET C 132 -9.13 15.34 14.80
N ASN C 133 -9.43 16.63 14.99
CA ASN C 133 -9.28 17.24 16.29
C ASN C 133 -10.22 16.60 17.32
N TRP C 134 -11.46 16.30 16.91
CA TRP C 134 -12.40 15.63 17.80
C TRP C 134 -11.90 14.25 18.17
N SER C 135 -11.31 13.54 17.21
CA SER C 135 -10.71 12.24 17.50
C SER C 135 -9.57 12.38 18.50
N PRO C 136 -8.74 13.41 18.33
CA PRO C 136 -7.65 13.67 19.25
C PRO C 136 -8.17 14.19 20.60
N ALA C 137 -18.73 9.54 20.45
CA ALA C 137 -19.48 9.21 21.66
C ALA C 137 -19.86 10.47 22.42
N VAL C 138 -18.85 11.27 22.77
CA VAL C 138 -19.10 12.51 23.48
C VAL C 138 -19.88 13.48 22.61
N GLY C 139 -19.59 13.48 21.30
CA GLY C 139 -20.40 14.28 20.39
C GLY C 139 -21.85 13.85 20.37
N MET C 140 -22.09 12.54 20.39
CA MET C 140 -23.46 12.05 20.49
C MET C 140 -24.11 12.52 21.79
N VAL C 141 -23.36 12.45 22.90
CA VAL C 141 -23.92 12.83 24.20
C VAL C 141 -24.30 14.31 24.19
N VAL C 142 -23.43 15.17 23.68
CA VAL C 142 -23.71 16.59 23.69
C VAL C 142 -24.85 16.91 22.73
N ALA C 143 -24.90 16.22 21.59
CA ALA C 143 -26.02 16.39 20.68
C ALA C 143 -27.33 15.99 21.35
N HIS C 144 -27.30 14.95 22.18
CA HIS C 144 -28.50 14.53 22.88
C HIS C 144 -28.95 15.56 23.91
N ILE C 145 -28.01 16.05 24.72
CA ILE C 145 -28.41 16.97 25.78
C ILE C 145 -28.90 18.27 25.18
N LEU C 146 -28.27 18.74 24.10
CA LEU C 146 -28.84 19.89 23.40
C LEU C 146 -30.11 19.51 22.66
N ARG C 147 -30.34 18.22 22.43
CA ARG C 147 -31.52 17.76 21.74
C ARG C 147 -32.63 17.33 22.68
N LEU C 148 -32.36 17.21 23.97
CA LEU C 148 -33.44 16.93 24.93
C LEU C 148 -34.55 17.98 24.92
N PRO C 149 -34.29 19.28 24.79
CA PRO C 149 -35.43 20.23 24.83
C PRO C 149 -36.50 19.96 23.79
N GLN C 150 -36.10 19.80 22.52
CA GLN C 150 -37.09 19.51 21.48
C GLN C 150 -37.77 18.16 21.70
N THR C 151 -37.06 17.19 22.28
CA THR C 151 -37.75 15.97 22.68
C THR C 151 -38.88 16.29 23.65
N LEU C 152 -38.59 17.13 24.65
CA LEU C 152 -39.61 17.49 25.62
C LEU C 152 -40.79 18.19 24.96
N PHE C 153 -40.50 19.17 24.08
CA PHE C 153 -41.60 19.90 23.46
C PHE C 153 -42.42 18.99 22.56
N ASP C 154 -41.79 18.05 21.86
CA ASP C 154 -42.56 17.19 20.97
C ASP C 154 -43.40 16.19 21.76
N ILE C 155 -42.87 15.67 22.88
CA ILE C 155 -43.70 14.73 23.64
C ILE C 155 -44.87 15.47 24.26
N LEU C 156 -44.64 16.70 24.75
CA LEU C 156 -45.75 17.47 25.28
C LEU C 156 -46.65 18.03 24.19
N ALA C 157 -46.23 17.94 22.92
CA ALA C 157 -47.03 18.42 21.80
C ALA C 157 -47.53 17.31 20.90
N GLY C 158 -46.83 16.18 20.83
CA GLY C 158 -47.22 15.07 20.00
C GLY C 158 -48.09 14.04 20.67
N ALA C 159 -48.62 14.34 21.86
CA ALA C 159 -49.44 13.41 22.63
C ALA C 159 -48.71 12.10 22.88
N HIS C 160 -47.40 12.21 23.16
CA HIS C 160 -46.56 11.05 23.44
C HIS C 160 -46.75 10.60 24.88
N TRP C 161 -48.01 10.26 25.20
CA TRP C 161 -48.37 9.89 26.55
C TRP C 161 -47.62 8.66 27.01
N GLY C 162 -47.50 7.66 26.14
CA GLY C 162 -46.73 6.48 26.50
C GLY C 162 -45.29 6.80 26.81
N VAL C 163 -44.67 7.65 25.98
CA VAL C 163 -43.29 8.08 26.22
C VAL C 163 -43.16 8.69 27.60
N LEU C 164 -43.90 9.79 27.84
CA LEU C 164 -43.76 10.50 29.11
C LEU C 164 -44.12 9.62 30.29
N ALA C 165 -45.08 8.71 30.12
CA ALA C 165 -45.44 7.79 31.20
C ALA C 165 -44.28 6.87 31.52
N GLY C 166 -43.57 6.39 30.49
CA GLY C 166 -42.38 5.59 30.76
C GLY C 166 -41.30 6.37 31.48
N ILE C 167 -41.06 7.61 31.03
CA ILE C 167 -40.08 8.46 31.70
C ILE C 167 -40.43 8.59 33.18
N ALA C 168 -41.70 8.89 33.47
CA ALA C 168 -42.11 9.04 34.86
C ALA C 168 -41.96 7.73 35.63
N TYR C 169 -42.53 6.65 35.09
CA TYR C 169 -42.55 5.37 35.81
C TYR C 169 -41.15 4.89 36.11
N PHE C 170 -40.15 5.27 35.32
CA PHE C 170 -38.81 4.92 35.74
C PHE C 170 -38.21 6.01 36.61
N SER C 171 -38.75 7.23 36.55
CA SER C 171 -38.31 8.29 37.45
C SER C 171 -38.63 7.95 38.89
N MET C 172 -39.68 7.16 39.14
CA MET C 172 -39.85 6.62 40.49
C MET C 172 -38.59 5.90 40.97
N VAL C 173 -37.99 5.07 40.11
CA VAL C 173 -36.66 4.55 40.43
C VAL C 173 -35.61 5.64 40.26
N GLY C 174 -35.66 6.34 39.14
CA GLY C 174 -34.91 7.57 38.98
C GLY C 174 -33.41 7.43 38.82
N ASN C 175 -32.90 6.22 38.58
CA ASN C 175 -31.46 6.06 38.41
C ASN C 175 -31.00 6.78 37.14
N TRP C 176 -29.77 7.31 37.20
CA TRP C 176 -29.31 8.27 36.21
C TRP C 176 -29.35 7.69 34.80
N ALA C 177 -28.52 6.68 34.53
CA ALA C 177 -28.32 6.22 33.18
C ALA C 177 -29.54 5.53 32.60
N LYS C 178 -30.53 5.21 33.43
CA LYS C 178 -31.66 4.42 32.96
C LYS C 178 -32.54 5.23 32.02
N VAL C 179 -33.07 6.36 32.48
CA VAL C 179 -33.83 7.22 31.58
C VAL C 179 -32.94 7.76 30.48
N LEU C 180 -31.64 7.84 30.74
CA LEU C 180 -30.71 8.26 29.69
C LEU C 180 -30.89 7.42 28.44
N VAL C 181 -31.18 6.12 28.60
CA VAL C 181 -31.29 5.27 27.43
C VAL C 181 -32.51 5.64 26.60
N VAL C 182 -33.63 6.00 27.25
CA VAL C 182 -34.79 6.36 26.43
C VAL C 182 -34.54 7.69 25.75
N LEU C 183 -33.80 8.60 26.40
CA LEU C 183 -33.42 9.82 25.71
C LEU C 183 -32.57 9.54 24.48
N LEU C 184 -31.59 8.64 24.61
CA LEU C 184 -30.77 8.30 23.45
C LEU C 184 -31.59 7.62 22.36
N LEU C 185 -32.54 6.77 22.74
CA LEU C 185 -33.42 6.15 21.76
C LEU C 185 -34.20 7.20 20.99
N PHE C 186 -34.78 8.17 21.70
CA PHE C 186 -35.55 9.20 21.02
C PHE C 186 -34.66 10.00 20.07
N ALA C 187 -33.47 10.38 20.54
CA ALA C 187 -32.57 11.14 19.70
C ALA C 187 -32.16 10.35 18.47
N GLY C 188 -31.85 9.07 18.63
CA GLY C 188 -31.42 8.28 17.50
C GLY C 188 -32.53 8.04 16.49
N VAL C 189 -33.74 7.77 16.97
CA VAL C 189 -34.83 7.45 16.05
C VAL C 189 -35.28 8.70 15.30
N ASP C 190 -35.43 9.82 16.00
CA ASP C 190 -35.94 11.01 15.32
C ASP C 190 -34.86 11.67 14.47
N ALA C 191 -33.61 11.66 14.91
CA ALA C 191 -32.52 12.27 14.16
C ALA C 191 -31.17 11.74 14.61
N GLU D 1 -13.23 21.84 -18.28
CA GLU D 1 -11.93 21.72 -18.96
C GLU D 1 -11.04 20.69 -18.27
N THR D 2 -10.47 19.80 -19.06
CA THR D 2 -9.66 18.71 -18.53
C THR D 2 -8.21 19.15 -18.46
N TYR D 3 -7.66 19.18 -17.24
CA TYR D 3 -6.28 19.57 -17.03
C TYR D 3 -5.78 18.87 -15.77
N VAL D 4 -4.53 19.16 -15.41
CA VAL D 4 -3.87 18.49 -14.29
C VAL D 4 -3.39 19.53 -13.31
N THR D 5 -2.95 19.05 -12.15
CA THR D 5 -2.39 19.89 -11.09
C THR D 5 -0.93 19.57 -10.81
N GLY D 6 -0.62 18.31 -10.54
CA GLY D 6 0.74 17.91 -10.22
C GLY D 6 1.61 17.59 -11.41
N GLY D 7 1.12 17.81 -12.62
CA GLY D 7 1.89 17.49 -13.81
C GLY D 7 3.10 18.36 -14.01
N SER D 8 4.29 17.77 -13.87
CA SER D 8 5.54 18.47 -14.11
C SER D 8 6.04 18.17 -15.52
N VAL D 9 6.51 19.21 -16.21
CA VAL D 9 6.98 19.10 -17.58
C VAL D 9 8.45 19.49 -17.63
N ALA D 10 9.25 18.69 -18.31
CA ALA D 10 10.68 18.93 -18.45
C ALA D 10 11.05 19.44 -19.84
N HIS D 11 10.08 19.98 -20.58
CA HIS D 11 10.36 20.45 -21.94
C HIS D 11 11.31 21.63 -21.95
N SER D 12 11.35 22.41 -20.87
CA SER D 12 12.24 23.56 -20.75
C SER D 12 12.93 23.58 -19.40
N ALA D 13 13.44 22.42 -18.98
CA ALA D 13 14.22 22.32 -17.74
C ALA D 13 15.66 22.76 -18.00
N ARG D 14 15.79 23.99 -18.48
CA ARG D 14 17.08 24.51 -18.91
C ARG D 14 17.07 26.03 -18.82
N GLY D 15 18.27 26.61 -18.85
CA GLY D 15 18.43 28.04 -18.98
C GLY D 15 19.88 28.45 -19.09
N LEU D 16 20.19 29.26 -20.11
CA LEU D 16 21.55 29.75 -20.35
C LEU D 16 22.58 28.62 -20.37
N THR D 17 22.19 27.46 -20.88
CA THR D 17 23.07 26.30 -20.98
C THR D 17 23.80 26.26 -22.30
N SER D 18 24.06 27.41 -22.92
CA SER D 18 24.60 27.49 -24.27
C SER D 18 26.10 27.24 -24.34
N LEU D 19 26.70 26.63 -23.31
CA LEU D 19 28.10 26.26 -23.39
C LEU D 19 28.33 25.27 -24.54
N PHE D 20 27.57 24.18 -24.57
CA PHE D 20 27.59 23.31 -25.74
C PHE D 20 26.90 23.97 -26.92
N SER D 21 25.70 24.50 -26.69
CA SER D 21 24.94 25.32 -27.64
C SER D 21 24.41 24.54 -28.82
N MET D 22 24.82 23.27 -28.97
CA MET D 22 24.30 22.46 -30.06
C MET D 22 24.37 20.99 -29.61
N GLY D 23 23.28 20.50 -29.04
CA GLY D 23 23.08 19.08 -28.77
C GLY D 23 24.20 18.32 -28.10
N ALA D 24 25.17 19.04 -27.54
CA ALA D 24 26.43 18.44 -27.06
C ALA D 24 27.10 17.63 -28.17
N LYS D 25 26.84 18.01 -29.42
CA LYS D 25 27.43 17.54 -30.67
C LYS D 25 26.90 16.18 -31.13
N GLN D 26 26.13 15.44 -30.30
CA GLN D 26 25.58 14.17 -30.75
C GLN D 26 24.12 14.36 -31.20
N LYS D 27 23.97 15.09 -32.29
CA LYS D 27 22.65 15.48 -32.78
C LYS D 27 21.76 14.26 -32.98
N LEU D 28 20.56 14.32 -32.43
CA LEU D 28 19.61 13.21 -32.44
C LEU D 28 18.41 13.60 -33.30
N GLN D 29 18.14 12.81 -34.33
CA GLN D 29 16.99 13.06 -35.19
C GLN D 29 16.63 11.78 -35.92
N LEU D 30 15.39 11.71 -36.38
CA LEU D 30 14.87 10.52 -37.04
C LEU D 30 15.06 10.63 -38.54
N VAL D 31 15.26 9.48 -39.18
CA VAL D 31 15.34 9.40 -40.64
C VAL D 31 14.55 8.19 -41.10
N ASN D 32 14.23 8.19 -42.39
CA ASN D 32 13.54 7.06 -43.00
C ASN D 32 14.55 6.09 -43.59
N THR D 33 14.18 4.81 -43.62
CA THR D 33 15.06 3.77 -44.16
C THR D 33 14.17 2.70 -44.80
N ASN D 34 14.04 2.78 -46.13
CA ASN D 34 13.23 1.84 -46.90
C ASN D 34 11.82 1.74 -46.32
N GLY D 35 11.24 2.90 -46.01
CA GLY D 35 9.92 2.94 -45.42
C GLY D 35 9.89 2.67 -43.94
N SER D 36 11.04 2.67 -43.27
CA SER D 36 11.10 2.46 -41.83
C SER D 36 11.80 3.65 -41.19
N TRP D 37 11.29 4.07 -40.04
CA TRP D 37 11.74 5.30 -39.39
C TRP D 37 12.40 4.95 -38.06
N HIS D 38 13.72 5.07 -38.02
CA HIS D 38 14.51 4.84 -36.81
C HIS D 38 15.43 6.04 -36.58
N ILE D 39 16.32 5.90 -35.62
CA ILE D 39 17.19 7.00 -35.21
C ILE D 39 18.44 7.03 -36.09
N ASN D 40 19.04 8.21 -36.22
CA ASN D 40 20.22 8.40 -37.05
C ASN D 40 21.45 7.86 -36.36
N SER D 41 21.64 6.54 -36.43
CA SER D 41 22.73 5.89 -35.72
C SER D 41 24.10 6.30 -36.23
N THR D 42 24.18 6.94 -37.39
CA THR D 42 25.47 7.28 -37.98
C THR D 42 26.28 8.21 -37.08
N ALA D 43 25.82 9.44 -36.90
CA ALA D 43 26.60 10.37 -36.09
C ALA D 43 26.65 9.89 -34.64
N LEU D 44 25.55 10.08 -33.91
CA LEU D 44 25.12 9.23 -32.80
C LEU D 44 26.25 8.53 -32.05
N ASN D 45 27.11 9.30 -31.39
CA ASN D 45 28.20 8.73 -30.59
C ASN D 45 27.70 7.57 -29.73
N CYS D 46 28.54 6.59 -29.48
CA CYS D 46 28.08 5.32 -28.93
C CYS D 46 28.72 4.91 -27.62
N ASN D 47 30.03 5.10 -27.46
CA ASN D 47 30.77 4.55 -26.34
C ASN D 47 30.84 5.50 -25.15
N GLU D 48 29.82 6.32 -24.95
CA GLU D 48 29.88 7.35 -23.92
C GLU D 48 29.75 6.74 -22.53
N SER D 49 30.14 7.52 -21.54
CA SER D 49 29.98 7.15 -20.14
C SER D 49 28.61 7.59 -19.65
N ILE D 50 28.28 7.14 -18.43
CA ILE D 50 26.97 7.44 -17.85
C ILE D 50 26.80 8.93 -17.65
N ASN D 51 27.83 9.62 -17.13
CA ASN D 51 27.72 11.05 -16.90
C ASN D 51 27.65 11.83 -18.20
N THR D 52 28.44 11.43 -19.20
CA THR D 52 28.38 12.11 -20.49
C THR D 52 27.00 11.95 -21.13
N GLY D 53 26.44 10.75 -21.09
CA GLY D 53 25.09 10.56 -21.60
C GLY D 53 24.05 11.31 -20.80
N PHE D 54 24.24 11.41 -19.48
CA PHE D 54 23.32 12.17 -18.64
C PHE D 54 23.33 13.64 -19.02
N ILE D 55 24.52 14.20 -19.26
CA ILE D 55 24.60 15.59 -19.73
C ILE D 55 23.96 15.74 -21.10
N ALA D 56 24.20 14.77 -21.99
CA ALA D 56 23.59 14.81 -23.32
C ALA D 56 22.07 14.86 -23.23
N GLY D 57 21.49 13.96 -22.42
CA GLY D 57 20.05 13.99 -22.21
C GLY D 57 19.58 15.26 -21.53
N LEU D 58 20.43 15.84 -20.67
CA LEU D 58 20.09 17.12 -20.05
C LEU D 58 19.95 18.21 -21.10
N PHE D 59 20.81 18.23 -22.11
CA PHE D 59 20.77 19.28 -23.12
C PHE D 59 19.74 19.03 -24.20
N TYR D 60 19.01 17.91 -24.17
CA TYR D 60 18.07 17.56 -25.23
C TYR D 60 16.65 17.91 -24.79
N TYR D 61 16.26 19.15 -25.07
CA TYR D 61 14.90 19.63 -24.81
C TYR D 61 14.26 20.35 -25.98
N HIS D 62 15.02 20.94 -26.88
CA HIS D 62 14.44 21.86 -27.85
C HIS D 62 14.75 21.49 -29.28
N LYS D 63 15.94 20.95 -29.56
CA LYS D 63 16.37 20.74 -30.94
C LYS D 63 15.76 19.52 -31.58
N PHE D 64 14.71 18.95 -30.99
CA PHE D 64 14.13 17.72 -31.51
C PHE D 64 13.30 18.09 -32.73
N ASN D 65 13.78 17.67 -33.89
CA ASN D 65 13.11 17.91 -35.17
C ASN D 65 12.02 16.87 -35.40
N SER D 66 10.81 17.21 -34.96
CA SER D 66 9.68 16.26 -34.93
C SER D 66 8.94 16.24 -36.27
N THR D 67 9.61 15.74 -37.31
CA THR D 67 8.97 15.70 -38.63
C THR D 67 8.28 14.38 -38.91
N GLY D 68 9.02 13.27 -38.89
CA GLY D 68 8.44 12.00 -39.22
C GLY D 68 7.69 11.33 -38.09
N CYS D 69 7.65 11.98 -36.93
CA CYS D 69 7.03 11.36 -35.75
C CYS D 69 5.58 10.97 -35.96
N PRO D 70 4.71 11.79 -36.56
CA PRO D 70 3.32 11.36 -36.73
C PRO D 70 3.19 10.12 -37.62
N GLN D 71 3.77 10.14 -38.81
CA GLN D 71 3.64 8.99 -39.69
C GLN D 71 4.29 7.75 -39.08
N ARG D 72 5.34 7.93 -38.29
CA ARG D 72 5.89 6.78 -37.56
C ARG D 72 4.90 6.25 -36.54
N LEU D 73 4.24 7.14 -35.80
CA LEU D 73 3.27 6.72 -34.79
C LEU D 73 1.99 6.19 -35.40
N SER D 74 1.78 6.37 -36.71
CA SER D 74 0.56 5.88 -37.33
C SER D 74 0.41 4.38 -37.16
N SER D 75 1.51 3.65 -36.97
CA SER D 75 1.42 2.21 -36.78
C SER D 75 0.78 1.85 -35.45
N CYS D 76 0.98 2.67 -34.42
CA CYS D 76 0.42 2.37 -33.12
C CYS D 76 -1.10 2.48 -33.15
N LYS D 77 -1.74 1.85 -32.17
CA LYS D 77 -3.19 1.85 -32.08
C LYS D 77 -3.62 2.23 -30.67
N PRO D 78 -4.77 2.89 -30.53
CA PRO D 78 -5.34 3.12 -29.21
C PRO D 78 -5.94 1.85 -28.66
N ILE D 79 -6.14 1.83 -27.34
CA ILE D 79 -6.64 0.64 -26.67
C ILE D 79 -8.02 0.24 -27.15
N ILE D 80 -8.78 1.20 -27.70
CA ILE D 80 -10.13 0.89 -28.17
C ILE D 80 -10.08 -0.06 -29.35
N SER D 81 -9.05 0.04 -30.19
CA SER D 81 -9.06 -0.67 -31.46
C SER D 81 -9.11 -2.18 -31.29
N PHE D 82 -8.61 -2.70 -30.18
CA PHE D 82 -8.52 -4.14 -29.98
C PHE D 82 -9.91 -4.69 -29.65
N ARG D 83 -9.97 -6.00 -29.37
CA ARG D 83 -11.22 -6.65 -29.02
C ARG D 83 -11.28 -6.93 -27.52
N GLN D 84 -12.44 -7.37 -27.07
CA GLN D 84 -12.68 -7.60 -25.66
C GLN D 84 -11.89 -8.82 -25.19
N GLY D 85 -11.85 -8.99 -23.85
CA GLY D 85 -11.19 -10.13 -23.26
C GLY D 85 -12.03 -10.72 -22.15
N TRP D 86 -11.73 -11.97 -21.81
CA TRP D 86 -12.51 -12.70 -20.82
C TRP D 86 -11.72 -13.91 -20.38
N GLY D 87 -12.14 -14.50 -19.27
CA GLY D 87 -11.59 -15.75 -18.79
C GLY D 87 -10.30 -15.57 -18.03
N PRO D 88 -9.80 -16.66 -17.45
CA PRO D 88 -8.53 -16.60 -16.71
C PRO D 88 -7.38 -16.33 -17.65
N LEU D 89 -6.34 -15.70 -17.10
CA LEU D 89 -5.18 -15.34 -17.89
C LEU D 89 -4.39 -16.58 -18.29
N THR D 90 -3.64 -16.45 -19.38
CA THR D 90 -2.62 -17.43 -19.73
C THR D 90 -1.35 -16.67 -20.12
N ASP D 91 -0.25 -17.40 -20.22
CA ASP D 91 1.01 -16.80 -20.65
C ASP D 91 1.18 -17.03 -22.15
N ALA D 92 1.28 -15.94 -22.90
CA ALA D 92 1.43 -16.04 -24.34
C ALA D 92 2.81 -16.60 -24.70
N ASN D 93 2.98 -16.92 -25.97
CA ASN D 93 4.22 -17.50 -26.47
C ASN D 93 4.60 -16.75 -27.75
N ILE D 94 5.46 -15.76 -27.62
CA ILE D 94 5.89 -14.96 -28.76
C ILE D 94 6.95 -15.74 -29.51
N THR D 95 6.70 -16.00 -30.79
CA THR D 95 7.61 -16.76 -31.63
C THR D 95 7.61 -16.15 -33.03
N GLY D 96 8.55 -16.59 -33.86
CA GLY D 96 8.61 -16.19 -35.24
C GLY D 96 8.91 -14.71 -35.39
N PRO D 97 8.73 -14.19 -36.60
CA PRO D 97 8.95 -12.76 -36.81
C PRO D 97 7.94 -11.92 -36.06
N SER D 98 8.37 -10.75 -35.64
CA SER D 98 7.52 -9.76 -34.97
C SER D 98 7.53 -8.50 -35.84
N ASP D 99 6.64 -8.47 -36.83
CA ASP D 99 6.60 -7.34 -37.75
C ASP D 99 6.16 -6.06 -37.07
N ASP D 100 5.52 -6.14 -35.91
CA ASP D 100 5.05 -4.95 -35.23
C ASP D 100 6.22 -4.08 -34.79
N ARG D 101 6.01 -2.77 -34.88
CA ARG D 101 7.05 -1.84 -34.48
C ARG D 101 7.14 -1.80 -32.97
N PRO D 102 8.31 -2.10 -32.39
CA PRO D 102 8.38 -2.26 -30.93
C PRO D 102 8.07 -1.02 -30.14
N TYR D 103 8.18 0.18 -30.73
CA TYR D 103 8.01 1.38 -29.94
C TYR D 103 6.55 1.61 -29.53
N CYS D 104 5.61 0.90 -30.13
CA CYS D 104 4.23 1.02 -29.70
C CYS D 104 4.08 0.54 -28.27
N TRP D 105 3.14 1.15 -27.54
CA TRP D 105 2.95 0.78 -26.15
C TRP D 105 2.52 -0.67 -25.99
N HIS D 106 1.84 -1.22 -26.98
CA HIS D 106 1.26 -2.56 -26.88
C HIS D 106 2.07 -3.59 -27.66
N TYR D 107 3.39 -3.49 -27.63
CA TYR D 107 4.24 -4.42 -28.37
C TYR D 107 4.63 -5.59 -27.47
N ALA D 108 4.28 -6.80 -27.88
CA ALA D 108 4.65 -7.97 -27.13
C ALA D 108 6.09 -8.36 -27.43
N PRO D 109 6.97 -8.41 -26.43
CA PRO D 109 8.37 -8.75 -26.68
C PRO D 109 8.63 -10.25 -26.55
N ARG D 110 9.81 -10.65 -26.99
CA ARG D 110 10.29 -12.00 -26.78
C ARG D 110 10.88 -12.13 -25.37
N PRO D 111 11.02 -13.36 -24.86
CA PRO D 111 11.67 -13.53 -23.56
C PRO D 111 13.08 -12.97 -23.57
N CYS D 112 13.47 -12.36 -22.46
CA CYS D 112 14.76 -11.69 -22.36
C CYS D 112 15.86 -12.73 -22.27
N SER D 113 16.46 -13.05 -23.41
CA SER D 113 17.56 -14.00 -23.48
C SER D 113 18.88 -13.24 -23.50
N VAL D 114 19.96 -13.98 -23.77
CA VAL D 114 21.27 -13.37 -23.95
C VAL D 114 21.27 -12.46 -25.18
N VAL D 115 22.26 -11.59 -25.25
CA VAL D 115 22.41 -10.69 -26.39
C VAL D 115 23.85 -10.18 -26.48
N PRO D 116 24.51 -10.34 -27.62
CA PRO D 116 25.89 -9.84 -27.74
C PRO D 116 25.92 -8.32 -27.74
N ALA D 117 26.85 -7.77 -26.95
CA ALA D 117 26.97 -6.32 -26.85
C ALA D 117 27.63 -5.69 -28.07
N SER D 118 28.17 -6.49 -28.98
CA SER D 118 28.76 -5.94 -30.19
C SER D 118 27.73 -5.30 -31.10
N SER D 119 26.45 -5.50 -30.85
CA SER D 119 25.38 -5.00 -31.69
C SER D 119 24.43 -4.10 -30.91
N VAL D 120 24.94 -3.44 -29.87
CA VAL D 120 24.13 -2.52 -29.08
C VAL D 120 24.94 -1.25 -28.86
N CYS D 121 24.25 -0.11 -28.85
CA CYS D 121 24.87 1.17 -28.52
C CYS D 121 24.09 1.82 -27.39
N GLY D 122 24.82 2.44 -26.46
CA GLY D 122 24.21 3.04 -25.30
C GLY D 122 23.90 2.01 -24.25
N PRO D 123 23.46 2.47 -23.08
CA PRO D 123 23.16 1.55 -21.99
C PRO D 123 21.92 0.73 -22.29
N VAL D 124 21.85 -0.44 -21.66
CA VAL D 124 20.65 -1.28 -21.72
C VAL D 124 19.96 -1.19 -20.36
N TYR D 125 18.65 -1.02 -20.40
CA TYR D 125 17.89 -0.68 -19.20
C TYR D 125 16.85 -1.76 -18.93
N CYS D 126 16.93 -2.37 -17.76
CA CYS D 126 15.90 -3.29 -17.33
C CYS D 126 14.93 -2.56 -16.40
N PHE D 127 13.67 -2.96 -16.46
CA PHE D 127 12.59 -2.18 -15.88
C PHE D 127 11.83 -2.92 -14.79
N THR D 128 12.56 -3.54 -13.87
CA THR D 128 12.07 -3.51 -12.50
C THR D 128 11.55 -2.11 -12.24
N PRO D 129 10.31 -1.95 -11.74
CA PRO D 129 9.60 -0.67 -11.91
C PRO D 129 10.43 0.58 -11.74
N SER D 130 11.45 0.54 -10.89
CA SER D 130 12.44 1.61 -10.87
C SER D 130 13.58 1.24 -11.82
N PRO D 131 13.75 1.95 -12.93
CA PRO D 131 14.65 1.47 -13.99
C PRO D 131 16.08 1.32 -13.51
N VAL D 132 16.75 0.30 -14.03
CA VAL D 132 18.13 0.01 -13.68
C VAL D 132 18.93 -0.22 -14.95
N VAL D 133 20.23 0.00 -14.87
CA VAL D 133 21.15 -0.25 -15.98
C VAL D 133 21.73 -1.63 -15.82
N VAL D 134 22.16 -2.23 -16.93
CA VAL D 134 22.77 -3.56 -16.89
C VAL D 134 24.16 -3.49 -17.50
N GLY D 135 25.14 -4.08 -16.82
CA GLY D 135 26.49 -4.19 -17.30
C GLY D 135 26.72 -5.46 -18.09
N THR D 136 28.00 -5.80 -18.26
CA THR D 136 28.40 -6.95 -19.06
C THR D 136 29.42 -7.79 -18.31
N THR D 137 29.90 -8.82 -19.00
CA THR D 137 30.91 -9.75 -18.53
C THR D 137 31.33 -10.64 -19.69
N ASP D 138 32.62 -10.95 -19.75
CA ASP D 138 33.20 -11.50 -20.98
C ASP D 138 32.57 -12.84 -21.36
N ILE D 139 32.20 -12.96 -22.63
CA ILE D 139 31.60 -14.19 -23.14
C ILE D 139 32.63 -15.30 -23.34
N LYS D 140 33.89 -14.94 -23.60
CA LYS D 140 34.90 -15.94 -23.96
C LYS D 140 35.15 -16.92 -22.80
N GLY D 141 35.11 -16.44 -21.56
CA GLY D 141 35.44 -17.28 -20.43
C GLY D 141 34.39 -18.30 -20.05
N LYS D 142 33.18 -17.84 -19.75
CA LYS D 142 32.14 -18.68 -19.18
C LYS D 142 31.60 -19.68 -20.21
N PRO D 143 30.62 -20.53 -19.84
CA PRO D 143 30.11 -21.52 -20.80
C PRO D 143 29.27 -20.95 -21.94
N THR D 144 29.30 -19.63 -22.13
CA THR D 144 28.53 -19.02 -23.20
C THR D 144 29.02 -19.45 -24.59
N TYR D 145 30.33 -19.46 -24.82
CA TYR D 145 30.91 -19.99 -26.06
C TYR D 145 30.37 -19.34 -27.33
N ASN D 146 30.78 -18.08 -27.50
CA ASN D 146 30.95 -17.44 -28.81
C ASN D 146 29.67 -17.50 -29.66
N TRP D 147 28.66 -16.78 -29.19
CA TRP D 147 27.47 -16.52 -30.00
C TRP D 147 27.85 -16.01 -31.38
N GLY D 148 28.76 -15.05 -31.46
CA GLY D 148 29.28 -14.59 -32.72
C GLY D 148 30.72 -15.04 -32.93
N GLU D 149 31.60 -14.11 -33.29
CA GLU D 149 33.01 -14.43 -33.47
C GLU D 149 33.85 -13.35 -32.79
N ASN D 150 34.81 -13.80 -31.97
CA ASN D 150 35.74 -12.94 -31.22
C ASN D 150 35.03 -11.79 -30.51
N GLU D 151 33.75 -11.97 -30.17
CA GLU D 151 33.02 -10.97 -29.42
C GLU D 151 33.32 -11.11 -27.93
N THR D 152 33.10 -10.03 -27.19
CA THR D 152 33.36 -10.00 -25.76
C THR D 152 32.21 -9.31 -25.04
N ASP D 153 32.02 -9.69 -23.77
CA ASP D 153 31.19 -8.96 -22.82
C ASP D 153 29.74 -8.83 -23.30
N VAL D 154 29.08 -9.98 -23.41
CA VAL D 154 27.69 -10.01 -23.87
C VAL D 154 26.76 -9.79 -22.69
N PHE D 155 25.62 -9.16 -22.96
CA PHE D 155 24.59 -8.95 -21.94
C PHE D 155 23.78 -10.23 -21.75
N LEU D 156 23.35 -10.46 -20.52
CA LEU D 156 22.42 -11.54 -20.21
C LEU D 156 21.34 -11.01 -19.29
N LEU D 157 20.08 -11.35 -19.58
CA LEU D 157 18.96 -10.89 -18.77
C LEU D 157 18.26 -12.06 -18.08
N GLU D 158 17.70 -12.99 -18.84
CA GLU D 158 17.20 -14.28 -18.34
C GLU D 158 16.50 -14.16 -17.00
N SER D 159 15.46 -13.33 -16.96
CA SER D 159 14.74 -13.07 -15.73
C SER D 159 13.30 -13.53 -15.83
N LEU D 160 12.76 -13.99 -14.70
CA LEU D 160 11.35 -14.33 -14.60
C LEU D 160 10.59 -13.10 -14.13
N ARG D 161 9.34 -13.29 -13.73
CA ARG D 161 8.56 -12.17 -13.22
C ARG D 161 9.23 -11.62 -11.97
N PRO D 162 9.28 -10.30 -11.81
CA PRO D 162 10.13 -9.68 -10.79
C PRO D 162 9.85 -10.18 -9.38
N PRO D 163 8.60 -10.50 -9.02
CA PRO D 163 8.39 -11.13 -7.71
C PRO D 163 9.26 -12.36 -7.52
N SER D 164 9.46 -13.15 -8.57
CA SER D 164 10.40 -14.26 -8.53
C SER D 164 11.68 -13.95 -9.29
N GLY D 165 11.56 -13.42 -10.51
CA GLY D 165 12.72 -13.06 -11.31
C GLY D 165 13.34 -11.76 -10.87
N ARG D 166 13.95 -11.06 -11.81
CA ARG D 166 14.69 -9.84 -11.51
C ARG D 166 14.07 -8.58 -12.10
N TRP D 167 13.45 -8.66 -13.28
CA TRP D 167 12.87 -7.47 -13.88
C TRP D 167 11.80 -7.89 -14.87
N PHE D 168 10.91 -6.95 -15.18
CA PHE D 168 9.84 -7.22 -16.12
C PHE D 168 10.38 -7.37 -17.53
N GLY D 169 11.00 -6.32 -18.05
CA GLY D 169 11.55 -6.35 -19.39
C GLY D 169 12.66 -5.33 -19.53
N CYS D 170 13.49 -5.54 -20.53
CA CYS D 170 14.63 -4.67 -20.76
C CYS D 170 14.59 -4.15 -22.19
N ALA D 171 15.22 -3.00 -22.39
CA ALA D 171 15.20 -2.31 -23.66
C ALA D 171 16.56 -1.70 -23.94
N TRP D 172 16.81 -1.46 -25.22
CA TRP D 172 18.04 -0.84 -25.69
C TRP D 172 17.84 -0.48 -27.15
N MET D 173 18.89 0.04 -27.78
CA MET D 173 18.84 0.35 -29.20
C MET D 173 20.03 -0.32 -29.88
N ASN D 174 19.73 -1.12 -30.90
CA ASN D 174 20.67 -1.96 -31.61
C ASN D 174 21.46 -1.17 -32.64
N SER D 175 22.63 -1.72 -32.98
CA SER D 175 23.73 -0.92 -33.53
C SER D 175 23.29 -0.06 -34.71
N THR D 176 22.50 -0.61 -35.62
CA THR D 176 22.09 0.15 -36.79
C THR D 176 21.09 1.25 -36.46
N GLY D 177 20.61 1.31 -35.22
CA GLY D 177 19.78 2.40 -34.78
C GLY D 177 18.31 2.10 -34.60
N PHE D 178 17.94 0.87 -34.27
CA PHE D 178 16.55 0.49 -34.11
C PHE D 178 16.30 0.03 -32.67
N LEU D 179 15.13 0.36 -32.16
CA LEU D 179 14.73 -0.10 -30.84
C LEU D 179 14.73 -1.61 -30.79
N LYS D 180 15.26 -2.17 -29.71
CA LYS D 180 15.19 -3.61 -29.48
C LYS D 180 14.92 -3.85 -28.01
N THR D 181 13.87 -4.62 -27.72
CA THR D 181 13.47 -4.88 -26.35
C THR D 181 13.04 -6.32 -26.19
N CYS D 182 13.11 -6.78 -24.95
CA CYS D 182 12.61 -8.09 -24.57
C CYS D 182 11.93 -7.96 -23.22
N GLY D 183 11.29 -9.03 -22.79
CA GLY D 183 10.65 -9.01 -21.49
C GLY D 183 10.00 -10.33 -21.17
N ALA D 184 9.35 -10.36 -20.01
CA ALA D 184 8.62 -11.53 -19.59
C ALA D 184 7.44 -11.78 -20.52
N PRO D 185 6.98 -13.02 -20.63
CA PRO D 185 5.83 -13.31 -21.50
C PRO D 185 4.61 -12.53 -21.05
N PRO D 186 3.82 -12.01 -21.99
CA PRO D 186 2.62 -11.27 -21.62
C PRO D 186 1.41 -12.17 -21.43
N CYS D 187 0.26 -11.56 -21.19
CA CYS D 187 -0.97 -12.30 -20.89
C CYS D 187 -1.81 -12.49 -22.15
N ASN D 188 -2.15 -13.73 -22.45
CA ASN D 188 -3.22 -14.04 -23.38
C ASN D 188 -4.54 -14.05 -22.62
N ILE D 189 -5.54 -13.38 -23.19
CA ILE D 189 -6.80 -13.12 -22.50
C ILE D 189 -7.96 -13.69 -23.31
N TYR D 190 -7.67 -14.55 -24.27
CA TYR D 190 -8.72 -15.19 -25.05
C TYR D 190 -8.65 -16.71 -25.03
N GLY D 191 -7.48 -17.30 -24.81
CA GLY D 191 -7.39 -18.75 -24.78
C GLY D 191 -8.25 -19.36 -23.69
N GLY D 192 -8.30 -18.71 -22.53
CA GLY D 192 -9.12 -19.19 -21.43
C GLY D 192 -10.12 -18.14 -20.97
N ASN D 198 -11.63 -6.67 -38.60
CA ASN D 198 -10.87 -5.43 -38.74
C ASN D 198 -9.97 -5.21 -37.53
N GLU D 199 -10.49 -5.55 -36.35
CA GLU D 199 -9.71 -5.37 -35.12
C GLU D 199 -8.64 -6.44 -35.01
N THR D 200 -7.88 -6.37 -33.92
CA THR D 200 -6.79 -7.30 -33.67
C THR D 200 -6.83 -7.75 -32.22
N ASP D 201 -6.16 -8.88 -31.97
CA ASP D 201 -6.15 -9.49 -30.64
C ASP D 201 -4.97 -8.93 -29.85
N LEU D 202 -5.28 -8.12 -28.85
CA LEU D 202 -4.24 -7.54 -28.00
C LEU D 202 -3.60 -8.63 -27.16
N PHE D 203 -2.27 -8.65 -27.13
CA PHE D 203 -1.53 -9.61 -26.30
C PHE D 203 -1.18 -9.04 -24.94
N CYS D 204 -1.61 -7.82 -24.64
CA CYS D 204 -1.55 -7.22 -23.31
C CYS D 204 -0.18 -7.28 -22.66
N PRO D 205 0.78 -6.49 -23.14
CA PRO D 205 2.08 -6.42 -22.46
C PRO D 205 2.10 -5.49 -21.26
N THR D 206 0.95 -4.95 -20.85
CA THR D 206 0.90 -4.00 -19.77
C THR D 206 -0.45 -4.12 -19.08
N ASP D 207 -0.81 -3.11 -18.28
CA ASP D 207 -2.05 -3.13 -17.51
C ASP D 207 -3.22 -2.78 -18.43
N CYS D 208 -3.71 -3.79 -19.15
CA CYS D 208 -4.82 -3.60 -20.07
C CYS D 208 -6.16 -3.74 -19.33
N PHE D 209 -6.36 -2.85 -18.36
CA PHE D 209 -7.51 -2.98 -17.47
C PHE D 209 -8.82 -2.87 -18.24
N ARG D 210 -8.93 -1.89 -19.13
CA ARG D 210 -10.20 -1.66 -19.79
C ARG D 210 -10.57 -2.80 -20.73
N LYS D 211 -9.57 -3.48 -21.28
CA LYS D 211 -9.85 -4.61 -22.16
C LYS D 211 -9.85 -5.95 -21.44
N HIS D 212 -9.35 -5.99 -20.21
CA HIS D 212 -9.42 -7.19 -19.40
C HIS D 212 -9.35 -6.79 -17.94
N PRO D 213 -10.28 -7.23 -17.11
CA PRO D 213 -10.48 -6.60 -15.80
C PRO D 213 -9.32 -6.79 -14.85
N GLU D 214 -8.86 -8.02 -14.67
CA GLU D 214 -7.83 -8.32 -13.67
C GLU D 214 -6.44 -8.46 -14.27
N ALA D 215 -6.26 -8.07 -15.52
CA ALA D 215 -4.92 -8.10 -16.10
C ALA D 215 -4.07 -6.95 -15.56
N THR D 216 -3.73 -7.02 -14.28
CA THR D 216 -2.96 -5.95 -13.66
C THR D 216 -1.52 -5.97 -14.16
N TYR D 217 -0.80 -4.89 -13.84
CA TYR D 217 0.59 -4.81 -14.26
C TYR D 217 1.44 -5.90 -13.63
N SER D 218 1.21 -6.19 -12.35
CA SER D 218 2.03 -7.18 -11.68
C SER D 218 1.94 -8.54 -12.36
N ARG D 219 0.72 -8.96 -12.72
CA ARG D 219 0.56 -10.25 -13.38
C ARG D 219 1.02 -10.20 -14.84
N CYS D 220 0.65 -9.14 -15.56
CA CYS D 220 0.76 -9.13 -17.01
C CYS D 220 1.90 -8.29 -17.55
N GLY D 221 2.02 -7.05 -17.08
CA GLY D 221 2.97 -6.11 -17.66
C GLY D 221 4.39 -6.61 -17.70
N ALA D 222 5.04 -6.42 -18.85
CA ALA D 222 6.44 -6.78 -19.00
C ALA D 222 7.07 -5.78 -19.97
N GLY D 223 7.62 -4.71 -19.41
CA GLY D 223 8.19 -3.66 -20.21
C GLY D 223 7.98 -2.29 -19.61
N PRO D 224 8.38 -1.25 -20.35
CA PRO D 224 8.33 0.11 -19.80
C PRO D 224 6.93 0.64 -19.59
N TRP D 225 5.92 0.04 -20.19
CA TRP D 225 4.59 0.63 -20.22
C TRP D 225 3.77 0.12 -19.04
N LEU D 226 3.25 1.05 -18.25
CA LEU D 226 2.29 0.70 -17.20
C LEU D 226 0.87 0.79 -17.73
N THR D 227 0.50 1.95 -18.23
CA THR D 227 -0.76 2.15 -18.90
C THR D 227 -0.53 2.38 -20.39
N PRO D 228 -1.53 2.13 -21.24
CA PRO D 228 -1.40 2.51 -22.64
C PRO D 228 -1.19 4.01 -22.82
N ARG D 229 -1.30 4.79 -21.76
CA ARG D 229 -1.08 6.22 -21.79
C ARG D 229 0.22 6.66 -21.13
N CYS D 230 0.70 5.93 -20.12
CA CYS D 230 1.83 6.38 -19.33
C CYS D 230 2.94 5.35 -19.34
N MET D 231 4.15 5.82 -19.06
CA MET D 231 5.35 5.01 -19.12
C MET D 231 6.37 5.51 -18.11
N VAL D 232 7.10 4.59 -17.50
CA VAL D 232 8.10 4.93 -16.50
C VAL D 232 9.27 5.63 -17.18
N ASP D 233 9.69 6.76 -16.63
CA ASP D 233 10.76 7.54 -17.20
C ASP D 233 12.12 7.02 -16.75
N TYR D 234 13.15 7.43 -17.48
CA TYR D 234 14.53 7.09 -17.19
C TYR D 234 15.43 7.94 -18.10
N PRO D 235 16.71 8.10 -17.74
CA PRO D 235 17.53 9.09 -18.45
C PRO D 235 17.59 8.93 -19.96
N TYR D 236 17.63 7.70 -20.47
CA TYR D 236 17.71 7.48 -21.91
C TYR D 236 16.33 7.24 -22.52
N ARG D 237 15.29 7.79 -21.90
CA ARG D 237 13.95 7.61 -22.41
C ARG D 237 13.81 8.22 -23.80
N LEU D 238 14.31 9.43 -23.98
CA LEU D 238 14.31 10.03 -25.31
C LEU D 238 15.27 9.27 -26.23
N TRP D 239 16.35 8.74 -25.67
CA TRP D 239 17.30 7.97 -26.46
C TRP D 239 16.62 6.78 -27.13
N HIS D 240 15.72 6.12 -26.41
CA HIS D 240 15.07 4.94 -26.99
C HIS D 240 13.80 5.33 -27.73
N TYR D 241 12.87 5.99 -27.06
CA TYR D 241 11.61 6.37 -27.67
C TYR D 241 11.66 7.84 -28.03
N PRO D 242 11.77 8.18 -29.29
CA PRO D 242 11.87 9.60 -29.65
C PRO D 242 10.55 10.34 -29.55
N CYS D 243 9.48 9.72 -30.04
CA CYS D 243 8.23 10.43 -30.24
C CYS D 243 7.56 10.86 -28.94
N THR D 244 8.03 10.36 -27.80
CA THR D 244 7.40 10.63 -26.52
C THR D 244 7.95 11.87 -25.82
N VAL D 245 8.47 12.83 -26.58
CA VAL D 245 9.08 14.01 -25.97
C VAL D 245 8.06 14.84 -25.20
N ASN D 246 6.88 15.05 -25.80
CA ASN D 246 5.87 15.94 -25.25
C ASN D 246 5.26 15.45 -23.95
N PHE D 247 5.72 14.34 -23.40
CA PHE D 247 5.11 13.79 -22.20
C PHE D 247 5.41 14.65 -20.99
N THR D 248 4.54 14.54 -19.98
CA THR D 248 4.68 15.27 -18.74
C THR D 248 4.89 14.29 -17.59
N LEU D 249 5.76 14.66 -16.66
CA LEU D 249 6.21 13.75 -15.62
C LEU D 249 5.24 13.72 -14.44
N PHE D 250 5.26 12.60 -13.72
CA PHE D 250 4.51 12.44 -12.48
C PHE D 250 5.29 11.52 -11.54
N LYS D 251 4.93 11.59 -10.27
CA LYS D 251 5.51 10.75 -9.23
C LYS D 251 4.69 9.49 -9.05
N VAL D 252 5.37 8.37 -8.79
CA VAL D 252 4.72 7.07 -8.72
C VAL D 252 5.30 6.26 -7.57
N ARG D 253 4.43 5.61 -6.81
CA ARG D 253 4.82 4.66 -5.76
C ARG D 253 4.14 3.33 -6.04
N MET D 254 4.93 2.30 -6.33
CA MET D 254 4.42 1.04 -6.88
C MET D 254 4.10 -0.01 -5.83
N PHE D 255 5.04 -0.31 -4.93
CA PHE D 255 4.90 -1.43 -3.99
C PHE D 255 4.72 -2.75 -4.74
N VAL D 256 5.78 -3.15 -5.45
CA VAL D 256 5.79 -4.39 -6.20
C VAL D 256 6.56 -5.44 -5.43
N GLY D 257 6.03 -6.66 -5.41
CA GLY D 257 6.71 -7.78 -4.78
C GLY D 257 6.99 -7.58 -3.31
N GLY D 258 6.16 -6.82 -2.62
CA GLY D 258 6.35 -6.51 -1.21
C GLY D 258 7.26 -5.33 -0.97
N PHE D 259 8.30 -5.18 -1.79
CA PHE D 259 9.21 -4.06 -1.62
C PHE D 259 8.55 -2.76 -2.08
N GLU D 260 9.25 -1.66 -1.86
CA GLU D 260 8.77 -0.34 -2.20
C GLU D 260 9.53 0.20 -3.41
N HIS D 261 8.80 0.75 -4.37
CA HIS D 261 9.38 1.31 -5.58
C HIS D 261 8.86 2.72 -5.78
N ARG D 262 9.78 3.66 -6.01
CA ARG D 262 9.45 5.05 -6.27
C ARG D 262 10.25 5.52 -7.48
N PHE D 263 9.58 6.21 -8.39
CA PHE D 263 10.23 6.68 -9.61
C PHE D 263 9.32 7.71 -10.27
N THR D 264 9.68 8.12 -11.48
CA THR D 264 8.95 9.12 -12.24
C THR D 264 8.25 8.46 -13.42
N ALA D 265 7.10 9.00 -13.79
CA ALA D 265 6.34 8.49 -14.92
C ALA D 265 5.87 9.64 -15.79
N ALA D 266 5.90 9.42 -17.10
CA ALA D 266 5.44 10.38 -18.08
C ALA D 266 4.19 9.85 -18.78
N CYS D 267 3.46 10.74 -19.44
CA CYS D 267 2.18 10.35 -20.01
C CYS D 267 1.91 11.11 -21.30
N ASN D 268 1.20 10.44 -22.20
CA ASN D 268 0.60 11.05 -23.38
C ASN D 268 -0.58 11.90 -22.94
N TRP D 269 -0.31 13.11 -22.48
CA TRP D 269 -1.37 13.96 -21.94
C TRP D 269 -1.28 15.35 -22.54
N THR D 270 -2.41 15.88 -22.97
CA THR D 270 -2.56 17.26 -23.37
C THR D 270 -3.82 17.81 -22.72
N ARG D 271 -3.83 19.11 -22.49
CA ARG D 271 -5.00 19.76 -21.90
C ARG D 271 -6.18 19.70 -22.87
N GLY D 272 -7.34 19.31 -22.35
CA GLY D 272 -8.55 19.26 -23.16
C GLY D 272 -8.94 17.89 -23.68
N GLU D 273 -8.23 16.83 -23.29
CA GLU D 273 -8.57 15.50 -23.75
C GLU D 273 -9.84 15.00 -23.07
N ARG D 274 -10.78 14.49 -23.85
CA ARG D 274 -12.00 13.93 -23.29
C ARG D 274 -11.67 12.72 -22.43
N CYS D 275 -12.03 12.79 -21.16
CA CYS D 275 -11.68 11.77 -20.17
C CYS D 275 -12.85 11.50 -19.24
N ASN D 276 -14.05 11.35 -19.79
CA ASN D 276 -15.24 11.40 -18.96
C ASN D 276 -15.28 10.30 -17.90
N ILE D 277 -15.54 9.05 -18.29
CA ILE D 277 -15.39 7.96 -17.33
C ILE D 277 -14.70 6.76 -17.96
N GLU D 278 -14.84 6.60 -19.28
CA GLU D 278 -14.34 5.39 -19.92
C GLU D 278 -12.84 5.43 -20.15
N ASP D 279 -12.26 6.62 -20.18
CA ASP D 279 -10.83 6.75 -20.42
C ASP D 279 -10.06 6.79 -19.11
N ARG D 280 -10.32 5.81 -18.25
CA ARG D 280 -9.63 5.63 -17.00
C ARG D 280 -9.01 4.23 -16.98
N ASP D 281 -7.74 4.15 -16.60
CA ASP D 281 -7.00 2.90 -16.62
C ASP D 281 -6.50 2.57 -15.23
N ARG D 282 -6.61 1.30 -14.85
CA ARG D 282 -6.16 0.88 -13.53
C ARG D 282 -4.64 0.94 -13.44
N SER D 283 -4.15 1.39 -12.29
CA SER D 283 -2.73 1.39 -11.99
C SER D 283 -2.62 1.46 -10.48
N GLU D 284 -1.74 0.65 -9.90
CA GLU D 284 -1.59 0.63 -8.45
C GLU D 284 -0.54 1.63 -8.01
N GLN D 285 -0.99 2.74 -7.43
CA GLN D 285 -0.13 3.66 -6.72
C GLN D 285 -0.29 3.44 -5.21
N HIS D 286 0.55 4.16 -4.47
CA HIS D 286 0.40 4.28 -3.03
C HIS D 286 0.72 5.70 -2.64
N PRO D 287 0.19 6.19 -1.52
CA PRO D 287 0.39 7.59 -1.15
C PRO D 287 1.86 7.94 -0.99
N LEU D 288 2.23 9.11 -1.50
CA LEU D 288 3.59 9.62 -1.33
C LEU D 288 3.74 10.28 0.04
N LEU D 289 2.97 11.34 0.28
CA LEU D 289 2.97 12.01 1.57
C LEU D 289 2.09 11.31 2.59
N HIS D 290 1.20 10.42 2.14
CA HIS D 290 0.34 9.64 3.03
C HIS D 290 -0.50 10.53 3.95
N SER D 291 -0.98 11.65 3.41
CA SER D 291 -1.81 12.57 4.16
C SER D 291 -2.54 13.49 3.19
N THR D 292 -3.25 14.47 3.73
CA THR D 292 -3.94 15.52 2.98
C THR D 292 -5.03 14.97 2.06
N THR D 293 -5.27 13.66 2.10
CA THR D 293 -6.37 12.99 1.41
C THR D 293 -6.34 13.19 -0.10
N GLU D 294 -5.26 13.76 -0.63
CA GLU D 294 -5.12 14.00 -2.06
C GLU D 294 -4.00 13.12 -2.59
N LEU D 295 -4.27 12.37 -3.66
CA LEU D 295 -3.28 11.49 -4.25
C LEU D 295 -2.93 11.97 -5.65
N ALA D 296 -1.66 12.19 -5.89
CA ALA D 296 -1.18 12.54 -7.23
C ALA D 296 -0.97 11.25 -8.01
N ILE D 297 -1.96 10.90 -8.83
CA ILE D 297 -1.95 9.65 -9.57
C ILE D 297 -1.77 9.95 -11.05
N LEU D 298 -1.62 8.89 -11.83
CA LEU D 298 -1.47 9.06 -13.27
C LEU D 298 -2.73 9.67 -13.84
N PRO D 299 -2.62 10.57 -14.80
CA PRO D 299 -3.82 11.15 -15.42
C PRO D 299 -4.62 10.08 -16.14
N CYS D 300 -5.94 10.29 -16.19
CA CYS D 300 -6.85 9.37 -16.84
C CYS D 300 -6.73 7.96 -16.25
N SER D 301 -6.63 7.88 -14.93
CA SER D 301 -6.37 6.60 -14.28
C SER D 301 -7.06 6.58 -12.93
N PHE D 302 -6.77 5.55 -12.14
CA PHE D 302 -7.27 5.41 -10.79
C PHE D 302 -6.42 4.38 -10.08
N THR D 303 -6.80 4.05 -8.85
CA THR D 303 -6.03 3.10 -8.08
C THR D 303 -6.95 2.32 -7.15
N PRO D 304 -6.85 1.00 -7.12
CA PRO D 304 -7.71 0.22 -6.21
C PRO D 304 -7.27 0.36 -4.77
N MET D 305 -7.31 1.58 -4.24
CA MET D 305 -7.02 1.87 -2.84
C MET D 305 -8.18 2.70 -2.32
N PRO D 306 -9.26 2.06 -1.86
CA PRO D 306 -10.48 2.79 -1.52
C PRO D 306 -10.26 3.83 -0.43
N ALA D 307 -11.21 4.75 -0.34
CA ALA D 307 -11.08 5.92 0.51
C ALA D 307 -11.00 5.54 1.98
N LEU D 308 -10.71 6.54 2.81
CA LEU D 308 -10.53 6.33 4.25
C LEU D 308 -11.82 5.83 4.88
N SER D 309 -12.86 6.68 4.89
CA SER D 309 -14.08 6.32 5.57
C SER D 309 -14.85 5.25 4.80
N THR D 310 -15.02 5.43 3.50
CA THR D 310 -15.79 4.49 2.70
C THR D 310 -15.00 4.00 1.51
N LEU D 311 -15.68 3.29 0.62
CA LEU D 311 -15.15 2.84 -0.66
C LEU D 311 -15.81 3.66 -1.76
N GLY D 312 -15.46 3.33 -3.01
CA GLY D 312 -15.98 4.08 -4.13
C GLY D 312 -15.00 5.15 -4.53
N ILE D 313 -14.33 4.96 -5.66
CA ILE D 313 -13.27 5.88 -6.07
C ILE D 313 -13.89 7.23 -6.41
N HIS D 314 -13.52 8.25 -5.65
CA HIS D 314 -13.98 9.60 -5.89
C HIS D 314 -12.96 10.32 -6.76
N LEU D 315 -13.38 10.74 -7.95
CA LEU D 315 -12.48 11.37 -8.90
C LEU D 315 -13.11 12.65 -9.42
N HIS D 316 -12.30 13.71 -9.46
CA HIS D 316 -12.78 15.00 -9.93
C HIS D 316 -13.05 14.96 -11.42
N GLN D 317 -14.07 15.72 -11.85
CA GLN D 317 -14.51 15.66 -13.23
C GLN D 317 -13.52 16.34 -14.16
N ASN D 318 -12.97 17.47 -13.75
CA ASN D 318 -12.14 18.28 -14.64
C ASN D 318 -10.66 17.99 -14.49
N ILE D 319 -10.19 17.74 -13.28
CA ILE D 319 -8.79 17.41 -13.03
C ILE D 319 -8.69 15.94 -12.67
N VAL D 320 -7.83 15.22 -13.39
CA VAL D 320 -7.85 13.76 -13.40
C VAL D 320 -6.74 13.21 -12.52
N ASP D 321 -5.65 13.95 -12.38
CA ASP D 321 -4.51 13.46 -11.62
C ASP D 321 -4.81 13.27 -10.13
N VAL D 322 -5.93 13.81 -9.66
CA VAL D 322 -6.27 13.76 -8.25
C VAL D 322 -7.01 12.46 -7.96
N GLN D 323 -6.65 11.82 -6.86
CA GLN D 323 -7.46 10.77 -6.26
C GLN D 323 -7.92 11.27 -4.89
N TYR D 324 -9.23 11.23 -4.67
CA TYR D 324 -9.84 11.80 -3.47
C TYR D 324 -9.94 10.77 -2.37
N LEU D 325 -9.70 11.21 -1.15
CA LEU D 325 -10.10 10.51 0.06
C LEU D 325 -11.18 11.37 0.73
N TYR D 326 -11.54 11.00 1.97
CA TYR D 326 -12.52 11.74 2.78
C TYR D 326 -13.81 11.99 1.99
N GLY D 327 -14.44 10.86 1.64
CA GLY D 327 -15.71 10.91 0.92
C GLY D 327 -16.86 11.38 1.76
N ALA D 336 -20.98 3.64 14.15
CA ALA D 336 -21.74 3.88 12.93
C ALA D 336 -22.95 2.95 12.85
N LEU D 337 -22.88 1.84 13.57
CA LEU D 337 -23.97 0.85 13.58
C LEU D 337 -25.11 1.32 14.46
N LYS D 338 -25.81 2.35 13.99
CA LYS D 338 -26.94 2.90 14.73
C LYS D 338 -28.03 1.86 14.89
N TRP D 339 -28.25 1.02 13.87
CA TRP D 339 -29.27 -0.01 13.96
C TRP D 339 -28.98 -0.98 15.09
N GLU D 340 -27.77 -1.53 15.11
CA GLU D 340 -27.41 -2.49 16.15
C GLU D 340 -27.39 -1.83 17.52
N TYR D 341 -26.88 -0.60 17.60
CA TYR D 341 -26.85 0.09 18.87
C TYR D 341 -28.26 0.32 19.41
N VAL D 342 -29.19 0.73 18.54
CA VAL D 342 -30.56 0.93 18.96
C VAL D 342 -31.20 -0.37 19.41
N VAL D 343 -30.94 -1.46 18.67
CA VAL D 343 -31.49 -2.75 19.07
C VAL D 343 -30.96 -3.17 20.44
N LEU D 344 -29.65 -3.02 20.65
CA LEU D 344 -29.07 -3.40 21.93
C LEU D 344 -29.60 -2.54 23.06
N LEU D 345 -29.76 -1.24 22.82
CA LEU D 345 -30.26 -0.36 23.86
C LEU D 345 -31.72 -0.68 24.18
N PHE D 346 -32.53 -0.99 23.16
CA PHE D 346 -33.90 -1.41 23.42
C PHE D 346 -33.93 -2.69 24.23
N LEU D 347 -33.03 -3.63 23.90
CA LEU D 347 -32.95 -4.86 24.69
C LEU D 347 -32.56 -4.57 26.13
N LEU D 348 -31.61 -3.64 26.33
CA LEU D 348 -31.22 -3.27 27.68
C LEU D 348 -32.39 -2.67 28.45
N LEU D 349 -33.16 -1.79 27.79
CA LEU D 349 -34.36 -1.26 28.42
C LEU D 349 -35.33 -2.37 28.77
N ALA D 350 -35.45 -3.37 27.90
CA ALA D 350 -36.27 -4.54 28.19
C ALA D 350 -35.69 -5.38 29.31
N ASP D 351 -34.41 -5.19 29.64
CA ASP D 351 -33.72 -5.92 30.69
C ASP D 351 -33.63 -7.42 30.42
N ALA D 352 -33.58 -7.82 29.15
CA ALA D 352 -33.37 -9.22 28.78
C ALA D 352 -31.87 -9.46 28.73
N ARG D 353 -31.30 -9.73 29.90
CA ARG D 353 -29.85 -9.86 30.02
C ARG D 353 -29.33 -10.99 29.14
N VAL D 354 -30.02 -12.13 29.12
CA VAL D 354 -29.62 -13.22 28.25
C VAL D 354 -29.64 -12.78 26.80
N CYS D 355 -30.73 -12.11 26.38
CA CYS D 355 -30.75 -11.53 25.05
C CYS D 355 -29.69 -10.45 24.91
N SER D 356 -29.48 -9.66 25.97
CA SER D 356 -28.45 -8.63 25.93
C SER D 356 -27.07 -9.26 25.77
N CYS D 357 -26.80 -10.34 26.50
CA CYS D 357 -25.51 -11.01 26.38
C CYS D 357 -25.34 -11.61 25.00
N LEU D 358 -26.39 -12.21 24.45
CA LEU D 358 -26.32 -12.75 23.10
C LEU D 358 -26.05 -11.65 22.09
N TRP D 359 -26.71 -10.51 22.23
CA TRP D 359 -26.49 -9.40 21.32
C TRP D 359 -25.06 -8.86 21.44
N MET D 360 -24.54 -8.78 22.67
CA MET D 360 -23.17 -8.32 22.84
C MET D 360 -22.19 -9.28 22.20
N MET D 361 -22.41 -10.59 22.35
CA MET D 361 -21.55 -11.57 21.71
C MET D 361 -21.63 -11.47 20.19
N LEU D 362 -22.85 -11.28 19.66
CA LEU D 362 -23.02 -11.15 18.22
C LEU D 362 -22.31 -9.91 17.70
N LEU D 363 -22.41 -8.80 18.43
CA LEU D 363 -21.72 -7.58 18.03
C LEU D 363 -20.21 -7.77 18.07
N ILE D 364 -19.71 -8.45 19.10
CA ILE D 364 -18.28 -8.72 19.18
C ILE D 364 -17.81 -9.57 18.00
N SER D 365 -18.61 -10.58 17.63
CA SER D 365 -18.24 -11.45 16.54
C SER D 365 -18.31 -10.75 15.19
N GLN D 366 -19.32 -9.90 14.98
CA GLN D 366 -19.54 -9.28 13.68
C GLN D 366 -19.35 -7.76 13.72
N ALA D 367 -20.07 -7.06 14.58
CA ALA D 367 -19.99 -5.60 14.60
C ALA D 367 -18.63 -5.12 15.08
N GLU D 368 -18.16 -5.67 16.21
CA GLU D 368 -16.85 -5.27 16.72
C GLU D 368 -15.71 -5.90 15.93
N ALA D 369 -15.98 -6.96 15.18
CA ALA D 369 -14.95 -7.60 14.38
C ALA D 369 -15.27 -7.47 12.89
#